data_5H15
#
_entry.id   5H15
#
_cell.length_a   93.497
_cell.length_b   179.130
_cell.length_c   50.556
_cell.angle_alpha   90.000
_cell.angle_beta   90.000
_cell.angle_gamma   90.000
#
_symmetry.space_group_name_H-M   'P 21 21 2'
#
loop_
_entity.id
_entity.type
_entity.pdbx_description
1 polymer 'Polycomb protein EED'
2 polymer 'Histone-lysine N-methyltransferase EZH2'
3 non-polymer (3R,4S)-1-[(2-methoxyphenyl)methyl]-N,N-dimethyl-4-(1-methylindol-3-yl)pyrrolidin-3-amine
4 water water
#
loop_
_entity_poly.entity_id
_entity_poly.type
_entity_poly.pdbx_seq_one_letter_code
_entity_poly.pdbx_strand_id
1 'polypeptide(L)'
;GKKCKYSFKCVNSLKEDHNQPLFGVQFNWHSKEGDPLVFATVGSNRVTLYECHSQGEIRLLQSYVDADADENFYTCAWTY
DSNTSHPLLAVAGSRGIIRIINPITMQCIKHYVGHGNAINELKFHPRDPNLLLSVSKDHALRLWNIQTDTLVAIFGGVEG
HRDEVLSADYDLLGEKIMSCGMDHSLKLWRINSKRMMNAIKESYDYNPNKTNRPFISQKIHFPDFSTRDIHRNYVDCVRW
LGDLILSKSCENAIVCWKPGKMEDDIDKIKPSESNVTILGRFDYSQCDIWYMRFSMDFWQKMLALGNQVGKLYVWDLEVE
DPHKAKCTTLTHHKCGAAIRQTSFSRDSSILIAVCDDASIWRWDRLR
;
A,B
2 'polypeptide(L)' SMFSSNRQKILERTEILNQEWKQRRIQPV C,D
#
# COMPACT_ATOMS: atom_id res chain seq x y z
N CYS A 4 -16.89 1.27 36.63
CA CYS A 4 -17.07 2.18 35.51
C CYS A 4 -17.14 3.65 35.91
N LYS A 5 -16.35 4.45 35.20
CA LYS A 5 -16.16 5.89 35.39
C LYS A 5 -17.13 6.78 34.57
N TYR A 6 -17.62 6.26 33.41
CA TYR A 6 -18.45 6.96 32.41
C TYR A 6 -19.85 7.37 32.87
N SER A 7 -20.21 8.64 32.56
CA SER A 7 -21.51 9.28 32.84
C SER A 7 -21.95 10.07 31.60
N PHE A 8 -23.27 10.13 31.36
CA PHE A 8 -23.86 10.83 30.21
C PHE A 8 -25.05 11.63 30.60
N LYS A 9 -25.32 12.71 29.85
CA LYS A 9 -26.47 13.58 30.04
C LYS A 9 -27.31 13.60 28.74
N CYS A 10 -28.62 13.36 28.85
CA CYS A 10 -29.49 13.45 27.67
C CYS A 10 -29.67 14.92 27.35
N VAL A 11 -29.13 15.36 26.19
CA VAL A 11 -29.18 16.80 25.89
C VAL A 11 -30.24 17.20 24.86
N ASN A 12 -30.76 16.22 24.10
CA ASN A 12 -31.71 16.49 23.03
C ASN A 12 -32.33 15.21 22.53
N SER A 13 -33.42 15.37 21.81
CA SER A 13 -34.17 14.28 21.19
C SER A 13 -35.03 14.90 20.11
N LEU A 14 -35.43 14.06 19.17
CA LEU A 14 -36.32 14.46 18.10
C LEU A 14 -37.07 13.21 17.62
N LYS A 15 -38.02 13.41 16.72
CA LYS A 15 -38.81 12.34 16.16
C LYS A 15 -38.93 12.60 14.67
N GLU A 16 -38.65 11.58 13.85
CA GLU A 16 -38.79 11.67 12.40
C GLU A 16 -40.27 11.61 12.03
N ASP A 17 -40.70 12.51 11.12
CA ASP A 17 -42.11 12.74 10.71
C ASP A 17 -42.84 11.52 10.13
N HIS A 18 -42.10 10.50 9.61
CA HIS A 18 -42.67 9.27 9.05
C HIS A 18 -43.27 8.30 10.09
N ASN A 19 -42.88 8.45 11.38
CA ASN A 19 -43.38 7.69 12.54
C ASN A 19 -43.12 6.18 12.52
N GLN A 20 -42.37 5.70 11.50
CA GLN A 20 -42.04 4.29 11.36
C GLN A 20 -40.79 3.94 12.15
N PRO A 21 -40.60 2.66 12.58
CA PRO A 21 -39.37 2.32 13.34
C PRO A 21 -38.06 2.60 12.63
N LEU A 22 -37.08 3.05 13.40
CA LEU A 22 -35.74 3.30 12.92
C LEU A 22 -34.93 2.08 13.32
N PHE A 23 -34.31 1.41 12.36
CA PHE A 23 -33.58 0.17 12.61
C PHE A 23 -32.09 0.36 12.81
N GLY A 24 -31.54 1.40 12.21
CA GLY A 24 -30.11 1.65 12.29
C GLY A 24 -29.72 3.10 12.49
N VAL A 25 -28.52 3.26 13.03
CA VAL A 25 -27.85 4.54 13.30
C VAL A 25 -26.35 4.28 13.25
N GLN A 26 -25.63 5.19 12.58
CA GLN A 26 -24.19 5.12 12.47
C GLN A 26 -23.58 6.49 12.40
N PHE A 27 -22.61 6.77 13.26
CA PHE A 27 -21.82 7.97 13.13
C PHE A 27 -20.81 7.68 12.05
N ASN A 28 -20.42 8.71 11.32
CA ASN A 28 -19.39 8.60 10.29
C ASN A 28 -18.01 8.69 11.00
N TRP A 29 -17.33 7.56 11.14
CA TRP A 29 -16.00 7.54 11.77
C TRP A 29 -14.87 7.89 10.79
N HIS A 30 -15.17 8.21 9.53
CA HIS A 30 -14.12 8.55 8.60
C HIS A 30 -13.78 10.01 8.60
N SER A 31 -14.71 10.86 9.05
CA SER A 31 -14.52 12.30 9.12
C SER A 31 -13.28 12.64 9.95
N LYS A 32 -12.42 13.52 9.43
CA LYS A 32 -11.16 13.89 10.10
C LYS A 32 -11.43 14.67 11.39
N GLU A 33 -10.43 14.67 12.31
CA GLU A 33 -10.51 15.34 13.61
C GLU A 33 -10.73 16.83 13.40
N GLY A 34 -11.73 17.37 14.08
CA GLY A 34 -12.08 18.77 13.99
C GLY A 34 -13.33 19.00 13.18
N ASP A 35 -13.56 18.15 12.16
CA ASP A 35 -14.75 18.22 11.30
C ASP A 35 -16.00 17.86 12.10
N PRO A 36 -17.20 18.30 11.68
CA PRO A 36 -18.41 18.00 12.48
C PRO A 36 -18.80 16.53 12.55
N LEU A 37 -19.33 16.14 13.72
CA LEU A 37 -19.75 14.78 14.01
C LEU A 37 -21.07 14.56 13.32
N VAL A 38 -21.08 13.69 12.33
CA VAL A 38 -22.24 13.41 11.52
C VAL A 38 -22.70 11.96 11.69
N PHE A 39 -24.02 11.75 11.83
CA PHE A 39 -24.57 10.41 11.88
C PHE A 39 -25.71 10.27 10.92
N ALA A 40 -25.95 9.01 10.49
CA ALA A 40 -27.07 8.63 9.62
C ALA A 40 -28.07 7.73 10.38
N THR A 41 -29.36 7.84 10.06
CA THR A 41 -30.44 6.99 10.58
C THR A 41 -31.12 6.30 9.42
N VAL A 42 -31.61 5.07 9.65
CA VAL A 42 -32.32 4.32 8.62
C VAL A 42 -33.56 3.69 9.18
N GLY A 43 -34.62 3.78 8.40
CA GLY A 43 -35.92 3.21 8.71
C GLY A 43 -36.92 3.56 7.63
N SER A 44 -37.94 2.70 7.45
CA SER A 44 -38.93 2.83 6.35
C SER A 44 -38.13 2.93 5.05
N ASN A 45 -38.51 3.82 4.13
CA ASN A 45 -37.79 4.01 2.87
C ASN A 45 -36.91 5.25 3.00
N ARG A 46 -36.46 5.55 4.24
CA ARG A 46 -35.67 6.76 4.48
C ARG A 46 -34.25 6.56 5.04
N VAL A 47 -33.35 7.44 4.62
CA VAL A 47 -31.98 7.57 5.09
C VAL A 47 -31.84 9.04 5.43
N THR A 48 -31.56 9.39 6.69
CA THR A 48 -31.42 10.79 7.08
C THR A 48 -30.09 11.08 7.74
N LEU A 49 -29.47 12.22 7.39
CA LEU A 49 -28.19 12.66 7.91
C LEU A 49 -28.36 13.84 8.87
N TYR A 50 -27.67 13.77 10.01
CA TYR A 50 -27.69 14.82 11.04
C TYR A 50 -26.28 15.19 11.41
N GLU A 51 -26.11 16.41 11.88
CA GLU A 51 -24.82 16.91 12.35
C GLU A 51 -24.97 17.27 13.84
N CYS A 52 -23.96 16.94 14.65
CA CYS A 52 -23.99 17.25 16.08
C CYS A 52 -23.24 18.54 16.34
N HIS A 53 -23.93 19.50 16.96
CA HIS A 53 -23.34 20.78 17.33
C HIS A 53 -23.36 20.93 18.84
N SER A 54 -22.82 22.05 19.32
CA SER A 54 -22.75 22.40 20.74
C SER A 54 -24.13 22.60 21.33
N GLN A 55 -24.23 22.41 22.66
CA GLN A 55 -25.44 22.54 23.47
C GLN A 55 -26.56 21.57 22.98
N GLY A 56 -26.13 20.37 22.64
CA GLY A 56 -27.00 19.28 22.21
C GLY A 56 -27.71 19.47 20.90
N GLU A 57 -27.32 20.48 20.10
CA GLU A 57 -27.96 20.77 18.81
C GLU A 57 -27.76 19.61 17.82
N ILE A 58 -28.88 19.09 17.31
CA ILE A 58 -28.91 18.07 16.27
C ILE A 58 -29.49 18.80 15.03
N ARG A 59 -28.59 19.08 14.08
CA ARG A 59 -28.89 19.78 12.85
C ARG A 59 -29.16 18.79 11.70
N LEU A 60 -30.41 18.77 11.22
CA LEU A 60 -30.82 17.98 10.06
C LEU A 60 -30.01 18.49 8.85
N LEU A 61 -29.40 17.56 8.08
CA LEU A 61 -28.61 17.88 6.90
C LEU A 61 -29.40 17.63 5.60
N GLN A 62 -29.73 16.36 5.31
CA GLN A 62 -30.50 15.96 4.12
C GLN A 62 -31.30 14.71 4.42
N SER A 63 -32.38 14.49 3.67
CA SER A 63 -33.24 13.33 3.77
C SER A 63 -33.26 12.61 2.42
N TYR A 64 -32.99 11.31 2.44
CA TYR A 64 -33.10 10.49 1.25
C TYR A 64 -34.43 9.78 1.40
N VAL A 65 -35.25 9.85 0.34
CA VAL A 65 -36.56 9.19 0.32
C VAL A 65 -36.51 8.28 -0.91
N ASP A 66 -36.63 6.97 -0.69
CA ASP A 66 -36.55 5.98 -1.76
C ASP A 66 -37.81 6.02 -2.64
N ALA A 67 -37.61 6.05 -3.98
CA ALA A 67 -38.67 6.05 -5.02
C ALA A 67 -39.75 5.00 -4.70
N ASP A 68 -39.31 3.78 -4.30
CA ASP A 68 -40.14 2.66 -3.89
C ASP A 68 -40.63 2.91 -2.45
N ALA A 69 -41.94 3.14 -2.29
CA ALA A 69 -42.56 3.38 -0.99
C ALA A 69 -42.56 2.14 -0.09
N ASP A 70 -42.41 0.94 -0.70
CA ASP A 70 -42.44 -0.35 -0.02
C ASP A 70 -41.08 -0.78 0.53
N GLU A 71 -40.00 -0.09 0.14
CA GLU A 71 -38.66 -0.35 0.66
C GLU A 71 -38.60 -0.06 2.17
N ASN A 72 -37.92 -0.93 2.91
CA ASN A 72 -37.71 -0.76 4.34
C ASN A 72 -36.23 -1.05 4.67
N PHE A 73 -35.43 0.01 4.85
CA PHE A 73 -34.00 -0.05 5.17
C PHE A 73 -33.79 -0.56 6.58
N TYR A 74 -32.90 -1.56 6.75
CA TYR A 74 -32.61 -2.20 8.03
C TYR A 74 -31.24 -1.82 8.55
N THR A 75 -30.36 -1.38 7.65
CA THR A 75 -28.97 -1.14 7.98
C THR A 75 -28.30 -0.10 7.13
N CYS A 76 -27.19 0.44 7.65
CA CYS A 76 -26.33 1.35 6.90
C CYS A 76 -24.90 1.23 7.41
N ALA A 77 -23.94 1.63 6.58
CA ALA A 77 -22.51 1.59 6.89
C ALA A 77 -21.83 2.67 6.07
N TRP A 78 -20.81 3.27 6.63
CA TRP A 78 -20.05 4.35 5.99
C TRP A 78 -18.74 3.83 5.41
N THR A 79 -18.26 4.52 4.37
CA THR A 79 -16.96 4.29 3.76
C THR A 79 -16.53 5.58 3.11
N TYR A 80 -15.45 5.54 2.36
CA TYR A 80 -14.96 6.70 1.60
C TYR A 80 -14.40 6.22 0.27
N ASP A 81 -14.31 7.12 -0.71
CA ASP A 81 -13.73 6.80 -2.01
C ASP A 81 -12.22 6.80 -1.82
N SER A 82 -11.59 5.64 -2.03
CA SER A 82 -10.14 5.44 -1.90
C SER A 82 -9.27 6.38 -2.78
N ASN A 83 -9.86 7.01 -3.82
CA ASN A 83 -9.16 7.90 -4.76
C ASN A 83 -9.37 9.39 -4.57
N THR A 84 -10.59 9.80 -4.17
CA THR A 84 -10.96 11.23 -4.04
C THR A 84 -11.14 11.72 -2.59
N SER A 85 -11.07 10.78 -1.61
CA SER A 85 -11.32 10.98 -0.17
C SER A 85 -12.78 11.43 0.11
N HIS A 86 -13.69 11.16 -0.84
CA HIS A 86 -15.10 11.53 -0.78
C HIS A 86 -15.85 10.58 0.16
N PRO A 87 -16.70 11.05 1.11
CA PRO A 87 -17.40 10.10 1.98
C PRO A 87 -18.51 9.38 1.23
N LEU A 88 -18.80 8.14 1.63
CA LEU A 88 -19.84 7.33 1.00
C LEU A 88 -20.67 6.64 2.07
N LEU A 89 -21.91 6.33 1.73
CA LEU A 89 -22.85 5.67 2.61
C LEU A 89 -23.56 4.55 1.89
N ALA A 90 -23.48 3.30 2.43
CA ALA A 90 -24.21 2.15 1.89
C ALA A 90 -25.39 1.87 2.77
N VAL A 91 -26.55 1.57 2.16
CA VAL A 91 -27.82 1.26 2.82
C VAL A 91 -28.45 0.05 2.14
N ALA A 92 -29.29 -0.70 2.86
CA ALA A 92 -30.02 -1.85 2.32
C ALA A 92 -31.12 -2.28 3.28
N GLY A 93 -32.09 -3.00 2.76
CA GLY A 93 -33.21 -3.48 3.56
C GLY A 93 -34.01 -4.60 2.92
N SER A 94 -35.34 -4.62 3.17
CA SER A 94 -36.28 -5.68 2.75
C SER A 94 -36.26 -6.05 1.26
N ARG A 95 -36.00 -5.08 0.39
CA ARG A 95 -35.93 -5.27 -1.06
C ARG A 95 -34.69 -6.04 -1.55
N GLY A 96 -33.69 -6.24 -0.69
CA GLY A 96 -32.44 -6.90 -1.03
C GLY A 96 -31.51 -6.11 -1.94
N ILE A 97 -31.67 -4.79 -2.00
CA ILE A 97 -30.84 -3.96 -2.88
C ILE A 97 -29.89 -3.08 -2.10
N ILE A 98 -28.60 -3.13 -2.45
CA ILE A 98 -27.57 -2.31 -1.83
C ILE A 98 -27.52 -1.01 -2.62
N ARG A 99 -27.68 0.15 -1.94
CA ARG A 99 -27.58 1.49 -2.56
C ARG A 99 -26.40 2.24 -1.96
N ILE A 100 -25.48 2.74 -2.82
CA ILE A 100 -24.31 3.54 -2.48
C ILE A 100 -24.76 4.99 -2.74
N ILE A 101 -24.86 5.75 -1.66
CA ILE A 101 -25.35 7.11 -1.65
C ILE A 101 -24.22 8.09 -1.36
N ASN A 102 -24.19 9.18 -2.15
CA ASN A 102 -23.26 10.28 -1.99
C ASN A 102 -23.88 11.06 -0.81
N PRO A 103 -23.28 11.08 0.40
CA PRO A 103 -23.92 11.77 1.52
C PRO A 103 -23.87 13.30 1.44
N ILE A 104 -23.06 13.87 0.51
CA ILE A 104 -22.91 15.31 0.29
C ILE A 104 -24.12 15.84 -0.54
N THR A 105 -24.51 15.08 -1.59
CA THR A 105 -25.63 15.39 -2.48
C THR A 105 -26.94 14.65 -2.11
N MET A 106 -26.86 13.60 -1.26
CA MET A 106 -27.97 12.70 -0.87
C MET A 106 -28.62 12.03 -2.09
N GLN A 107 -27.81 11.74 -3.12
CA GLN A 107 -28.26 11.06 -4.33
C GLN A 107 -27.57 9.69 -4.42
N CYS A 108 -28.29 8.70 -4.99
CA CYS A 108 -27.81 7.35 -5.23
C CYS A 108 -26.72 7.38 -6.35
N ILE A 109 -25.52 6.88 -6.06
CA ILE A 109 -24.39 6.76 -7.00
C ILE A 109 -24.59 5.46 -7.80
N LYS A 110 -24.77 4.33 -7.10
CA LYS A 110 -24.97 3.02 -7.72
C LYS A 110 -25.72 2.05 -6.81
N HIS A 111 -26.20 0.96 -7.40
CA HIS A 111 -26.89 -0.09 -6.66
C HIS A 111 -26.47 -1.49 -7.08
N TYR A 112 -26.66 -2.47 -6.19
CA TYR A 112 -26.35 -3.86 -6.49
C TYR A 112 -27.53 -4.70 -6.12
N VAL A 113 -28.04 -5.49 -7.09
CA VAL A 113 -29.14 -6.40 -6.81
C VAL A 113 -28.48 -7.60 -6.13
N GLY A 114 -27.92 -8.51 -6.93
CA GLY A 114 -27.23 -9.72 -6.49
C GLY A 114 -27.97 -10.61 -5.49
N HIS A 115 -27.94 -10.20 -4.19
CA HIS A 115 -28.56 -10.94 -3.07
C HIS A 115 -29.99 -11.36 -3.32
N GLY A 116 -30.31 -12.53 -2.81
CA GLY A 116 -31.67 -13.05 -2.82
C GLY A 116 -32.25 -12.62 -1.49
N ASN A 117 -33.46 -12.06 -1.50
CA ASN A 117 -34.18 -11.62 -0.30
C ASN A 117 -33.50 -10.46 0.51
N ALA A 118 -34.10 -10.15 1.67
CA ALA A 118 -33.75 -9.08 2.60
C ALA A 118 -32.29 -9.05 3.04
N ILE A 119 -31.68 -7.86 3.08
CA ILE A 119 -30.31 -7.65 3.58
C ILE A 119 -30.47 -7.10 5.01
N ASN A 120 -29.94 -7.86 5.99
CA ASN A 120 -30.07 -7.57 7.40
C ASN A 120 -28.96 -6.73 7.96
N GLU A 121 -27.77 -6.75 7.34
CA GLU A 121 -26.67 -5.92 7.84
C GLU A 121 -25.65 -5.72 6.76
N LEU A 122 -25.02 -4.52 6.77
CA LEU A 122 -23.90 -4.15 5.91
C LEU A 122 -22.73 -3.81 6.80
N LYS A 123 -21.50 -4.15 6.38
CA LYS A 123 -20.26 -3.81 7.09
C LYS A 123 -19.16 -3.59 6.07
N PHE A 124 -18.35 -2.55 6.28
CA PHE A 124 -17.18 -2.29 5.44
C PHE A 124 -15.96 -2.86 6.11
N HIS A 125 -15.03 -3.43 5.31
CA HIS A 125 -13.72 -3.93 5.72
C HIS A 125 -12.98 -2.78 6.45
N PRO A 126 -12.29 -3.03 7.58
CA PRO A 126 -11.63 -1.90 8.29
C PRO A 126 -10.36 -1.33 7.63
N ARG A 127 -9.79 -2.04 6.61
CA ARG A 127 -8.57 -1.60 5.90
C ARG A 127 -8.83 -1.18 4.47
N ASP A 128 -9.66 -1.93 3.74
CA ASP A 128 -9.99 -1.64 2.35
C ASP A 128 -11.39 -1.06 2.29
N PRO A 129 -11.47 0.26 1.98
CA PRO A 129 -12.77 0.94 1.93
C PRO A 129 -13.72 0.43 0.86
N ASN A 130 -13.22 -0.37 -0.09
CA ASN A 130 -14.06 -0.90 -1.19
C ASN A 130 -14.75 -2.24 -0.88
N LEU A 131 -14.28 -2.95 0.13
CA LEU A 131 -14.83 -4.25 0.47
C LEU A 131 -16.05 -4.14 1.39
N LEU A 132 -17.21 -4.39 0.81
CA LEU A 132 -18.49 -4.34 1.50
C LEU A 132 -19.08 -5.73 1.72
N LEU A 133 -19.46 -6.03 2.96
CA LEU A 133 -20.11 -7.29 3.33
C LEU A 133 -21.58 -7.05 3.61
N SER A 134 -22.48 -7.79 2.92
CA SER A 134 -23.93 -7.82 3.10
C SER A 134 -24.32 -9.19 3.65
N VAL A 135 -25.26 -9.24 4.61
CA VAL A 135 -25.76 -10.50 5.21
C VAL A 135 -27.25 -10.58 4.92
N SER A 136 -27.72 -11.74 4.49
CA SER A 136 -29.07 -11.81 3.97
C SER A 136 -29.97 -12.95 4.50
N LYS A 137 -31.29 -12.73 4.26
CA LYS A 137 -32.41 -13.60 4.54
C LYS A 137 -32.28 -14.92 3.73
N ASP A 138 -31.52 -14.89 2.61
CA ASP A 138 -31.28 -16.08 1.77
C ASP A 138 -30.22 -17.02 2.35
N HIS A 139 -29.78 -16.79 3.61
CA HIS A 139 -28.84 -17.63 4.37
C HIS A 139 -27.37 -17.41 4.00
N ALA A 140 -27.08 -16.46 3.09
CA ALA A 140 -25.69 -16.22 2.72
C ALA A 140 -25.15 -14.83 3.11
N LEU A 141 -23.81 -14.71 3.15
CA LEU A 141 -23.06 -13.46 3.29
C LEU A 141 -22.44 -13.22 1.88
N ARG A 142 -22.28 -11.97 1.47
CA ARG A 142 -21.71 -11.62 0.17
C ARG A 142 -20.67 -10.53 0.35
N LEU A 143 -19.53 -10.67 -0.30
CA LEU A 143 -18.43 -9.72 -0.24
C LEU A 143 -18.36 -9.04 -1.62
N TRP A 144 -18.51 -7.71 -1.62
CA TRP A 144 -18.51 -6.92 -2.83
C TRP A 144 -17.26 -6.03 -2.88
N ASN A 145 -16.78 -5.73 -4.10
CA ASN A 145 -15.70 -4.75 -4.32
C ASN A 145 -16.47 -3.65 -5.03
N ILE A 146 -16.75 -2.57 -4.30
CA ILE A 146 -17.57 -1.48 -4.83
C ILE A 146 -16.77 -0.54 -5.75
N GLN A 147 -15.45 -0.73 -5.87
CA GLN A 147 -14.64 0.05 -6.80
C GLN A 147 -14.79 -0.51 -8.24
N THR A 148 -14.89 -1.84 -8.38
CA THR A 148 -14.99 -2.53 -9.68
C THR A 148 -16.36 -3.12 -9.94
N ASP A 149 -17.29 -2.97 -8.96
CA ASP A 149 -18.68 -3.44 -9.00
C ASP A 149 -18.74 -4.96 -9.24
N THR A 150 -17.90 -5.67 -8.50
CA THR A 150 -17.83 -7.13 -8.55
C THR A 150 -18.23 -7.75 -7.21
N LEU A 151 -18.85 -8.91 -7.29
CA LEU A 151 -19.19 -9.73 -6.16
C LEU A 151 -18.00 -10.70 -6.04
N VAL A 152 -17.13 -10.44 -5.05
CA VAL A 152 -15.93 -11.23 -4.77
C VAL A 152 -16.27 -12.68 -4.36
N ALA A 153 -17.14 -12.84 -3.36
CA ALA A 153 -17.45 -14.16 -2.81
C ALA A 153 -18.84 -14.25 -2.22
N ILE A 154 -19.41 -15.45 -2.22
CA ILE A 154 -20.69 -15.81 -1.61
C ILE A 154 -20.35 -16.86 -0.55
N PHE A 155 -20.67 -16.58 0.72
CA PHE A 155 -20.36 -17.48 1.84
C PHE A 155 -21.67 -18.12 2.26
N GLY A 156 -21.80 -19.39 1.89
CA GLY A 156 -22.98 -20.21 2.15
C GLY A 156 -22.92 -21.47 1.30
N GLY A 157 -23.93 -22.32 1.43
CA GLY A 157 -24.01 -23.57 0.70
C GLY A 157 -24.03 -24.75 1.65
N VAL A 158 -23.24 -25.78 1.32
CA VAL A 158 -23.16 -27.05 2.05
C VAL A 158 -23.03 -26.87 3.55
N GLU A 159 -22.11 -26.04 4.03
CA GLU A 159 -21.97 -25.88 5.48
C GLU A 159 -22.22 -24.42 5.92
N GLY A 160 -22.96 -23.68 5.10
CA GLY A 160 -23.30 -22.29 5.37
C GLY A 160 -24.43 -22.20 6.35
N HIS A 161 -24.98 -20.98 6.58
CA HIS A 161 -26.11 -20.85 7.50
C HIS A 161 -27.36 -21.55 6.92
N ARG A 162 -28.24 -22.04 7.81
CA ARG A 162 -29.47 -22.78 7.49
C ARG A 162 -30.74 -21.95 7.56
N ASP A 163 -30.59 -20.69 7.99
CA ASP A 163 -31.63 -19.68 8.14
C ASP A 163 -30.96 -18.31 7.96
N GLU A 164 -31.77 -17.23 7.92
CA GLU A 164 -31.35 -15.83 7.74
C GLU A 164 -30.09 -15.52 8.51
N VAL A 165 -29.15 -14.83 7.85
CA VAL A 165 -27.95 -14.37 8.55
C VAL A 165 -28.41 -12.98 9.08
N LEU A 166 -28.30 -12.78 10.41
CA LEU A 166 -28.79 -11.51 11.00
C LEU A 166 -27.71 -10.47 11.21
N SER A 167 -26.47 -10.92 11.45
CA SER A 167 -25.37 -10.03 11.73
C SER A 167 -24.03 -10.64 11.35
N ALA A 168 -23.01 -9.79 11.12
CA ALA A 168 -21.64 -10.22 10.86
C ALA A 168 -20.68 -9.11 11.20
N ASP A 169 -19.41 -9.48 11.47
CA ASP A 169 -18.40 -8.52 11.82
C ASP A 169 -17.01 -8.97 11.35
N TYR A 170 -16.21 -8.00 10.91
CA TYR A 170 -14.82 -8.21 10.56
C TYR A 170 -14.07 -8.01 11.84
N ASP A 171 -12.93 -8.70 12.00
CA ASP A 171 -12.07 -8.48 13.16
C ASP A 171 -11.34 -7.16 12.92
N LEU A 172 -10.53 -6.68 13.90
CA LEU A 172 -9.84 -5.39 13.79
C LEU A 172 -8.93 -5.25 12.57
N LEU A 173 -8.15 -6.28 12.20
CA LEU A 173 -7.25 -6.16 11.04
C LEU A 173 -7.88 -6.60 9.70
N GLY A 174 -9.13 -7.06 9.70
CA GLY A 174 -9.86 -7.46 8.50
C GLY A 174 -9.40 -8.76 7.89
N GLU A 175 -8.90 -9.69 8.74
CA GLU A 175 -8.42 -11.02 8.35
C GLU A 175 -9.50 -12.08 8.34
N LYS A 176 -10.58 -11.87 9.13
CA LYS A 176 -11.67 -12.85 9.27
C LYS A 176 -13.00 -12.19 9.65
N ILE A 177 -14.12 -12.91 9.42
CA ILE A 177 -15.50 -12.49 9.67
C ILE A 177 -16.18 -13.52 10.55
N MET A 178 -16.97 -13.06 11.52
CA MET A 178 -17.84 -13.92 12.31
C MET A 178 -19.27 -13.53 11.90
N SER A 179 -20.07 -14.50 11.51
CA SER A 179 -21.48 -14.32 11.12
C SER A 179 -22.37 -15.05 12.15
N CYS A 180 -23.64 -14.71 12.21
CA CYS A 180 -24.55 -15.35 13.15
C CYS A 180 -25.96 -15.21 12.64
N GLY A 181 -26.88 -16.06 13.10
CA GLY A 181 -28.25 -15.91 12.59
C GLY A 181 -29.33 -16.72 13.27
N MET A 182 -30.41 -16.90 12.51
CA MET A 182 -31.63 -17.56 12.97
C MET A 182 -31.49 -19.05 13.16
N ASP A 183 -30.38 -19.65 12.69
CA ASP A 183 -30.18 -21.09 12.84
C ASP A 183 -29.43 -21.39 14.14
N HIS A 184 -29.23 -20.34 14.99
CA HIS A 184 -28.58 -20.36 16.32
C HIS A 184 -27.06 -20.48 16.22
N SER A 185 -26.51 -20.51 15.03
CA SER A 185 -25.07 -20.67 14.93
C SER A 185 -24.30 -19.40 14.68
N LEU A 186 -23.02 -19.44 15.08
CA LEU A 186 -21.99 -18.46 14.84
C LEU A 186 -20.99 -19.19 13.97
N LYS A 187 -20.67 -18.62 12.79
CA LYS A 187 -19.70 -19.19 11.84
C LYS A 187 -18.58 -18.23 11.50
N LEU A 188 -17.32 -18.76 11.45
CA LEU A 188 -16.07 -18.07 11.12
C LEU A 188 -15.73 -18.22 9.66
N TRP A 189 -15.36 -17.11 8.99
CA TRP A 189 -14.95 -17.15 7.58
C TRP A 189 -13.70 -16.33 7.46
N ARG A 190 -12.58 -17.00 7.19
CA ARG A 190 -11.26 -16.40 7.06
C ARG A 190 -11.12 -15.77 5.71
N ILE A 191 -10.69 -14.50 5.67
CA ILE A 191 -10.53 -13.84 4.36
C ILE A 191 -9.06 -13.57 4.03
N ASN A 192 -8.14 -13.98 4.93
CA ASN A 192 -6.69 -13.87 4.71
C ASN A 192 -6.16 -15.23 4.18
N SER A 193 -7.07 -16.15 3.78
CA SER A 193 -6.70 -17.42 3.18
C SER A 193 -6.14 -17.10 1.79
N LYS A 194 -5.37 -18.02 1.22
CA LYS A 194 -4.76 -17.77 -0.08
C LYS A 194 -5.83 -17.60 -1.16
N ARG A 195 -6.86 -18.43 -1.09
CA ARG A 195 -8.00 -18.44 -1.99
C ARG A 195 -8.72 -17.08 -1.98
N MET A 196 -9.06 -16.58 -0.76
CA MET A 196 -9.77 -15.30 -0.61
C MET A 196 -8.92 -14.11 -0.98
N MET A 197 -7.66 -14.09 -0.54
CA MET A 197 -6.75 -12.99 -0.86
C MET A 197 -6.55 -12.90 -2.34
N ASN A 198 -6.56 -14.05 -3.06
CA ASN A 198 -6.41 -14.03 -4.51
C ASN A 198 -7.71 -13.60 -5.20
N ALA A 199 -8.88 -14.04 -4.68
CA ALA A 199 -10.20 -13.64 -5.19
C ALA A 199 -10.37 -12.11 -5.08
N ILE A 200 -9.94 -11.50 -3.95
CA ILE A 200 -9.97 -10.05 -3.72
C ILE A 200 -9.04 -9.38 -4.74
N LYS A 201 -7.81 -9.89 -4.90
CA LYS A 201 -6.86 -9.35 -5.89
C LYS A 201 -7.48 -9.35 -7.29
N GLU A 202 -8.10 -10.47 -7.68
CA GLU A 202 -8.73 -10.62 -9.00
C GLU A 202 -9.87 -9.65 -9.22
N SER A 203 -10.70 -9.38 -8.17
CA SER A 203 -11.82 -8.41 -8.26
C SER A 203 -11.34 -7.00 -8.70
N TYR A 204 -10.10 -6.65 -8.34
CA TYR A 204 -9.43 -5.40 -8.72
C TYR A 204 -8.85 -5.45 -10.15
N ASP A 205 -8.56 -6.67 -10.70
CA ASP A 205 -8.05 -6.84 -12.08
C ASP A 205 -9.19 -6.85 -13.12
N TYR A 206 -10.43 -7.19 -12.70
CA TYR A 206 -11.60 -7.25 -13.59
C TYR A 206 -11.90 -5.88 -14.22
N PRO A 214 -17.43 -11.34 -17.75
CA PRO A 214 -18.21 -11.57 -16.50
C PRO A 214 -17.34 -12.08 -15.34
N PHE A 215 -17.39 -11.38 -14.18
CA PHE A 215 -16.59 -11.78 -13.02
C PHE A 215 -17.14 -13.03 -12.36
N ILE A 216 -16.24 -13.99 -12.06
CA ILE A 216 -16.58 -15.25 -11.41
C ILE A 216 -16.37 -15.13 -9.90
N SER A 217 -17.48 -15.07 -9.17
CA SER A 217 -17.46 -14.99 -7.70
C SER A 217 -17.02 -16.33 -7.09
N GLN A 218 -16.32 -16.28 -5.94
CA GLN A 218 -15.96 -17.48 -5.20
C GLN A 218 -17.21 -17.99 -4.51
N LYS A 219 -17.38 -19.31 -4.47
CA LYS A 219 -18.49 -19.91 -3.73
C LYS A 219 -17.88 -20.66 -2.56
N ILE A 220 -17.91 -20.02 -1.37
CA ILE A 220 -17.34 -20.54 -0.12
C ILE A 220 -18.45 -21.34 0.61
N HIS A 221 -18.42 -22.67 0.44
CA HIS A 221 -19.43 -23.57 1.03
C HIS A 221 -19.10 -23.95 2.46
N PHE A 222 -17.84 -23.74 2.88
CA PHE A 222 -17.35 -24.22 4.17
C PHE A 222 -16.71 -23.14 5.11
N PRO A 223 -17.27 -22.92 6.33
CA PRO A 223 -16.65 -21.96 7.26
C PRO A 223 -15.39 -22.53 7.95
N ASP A 224 -14.62 -21.70 8.66
CA ASP A 224 -13.39 -22.12 9.33
C ASP A 224 -13.61 -22.50 10.79
N PHE A 225 -14.86 -22.36 11.23
CA PHE A 225 -15.37 -22.69 12.56
C PHE A 225 -16.87 -22.49 12.53
N SER A 226 -17.59 -23.29 13.31
CA SER A 226 -19.04 -23.25 13.44
C SER A 226 -19.40 -23.81 14.81
N THR A 227 -20.29 -23.12 15.55
CA THR A 227 -20.79 -23.54 16.85
C THR A 227 -22.24 -23.14 16.98
N ARG A 228 -23.03 -23.95 17.72
CA ARG A 228 -24.42 -23.62 18.02
C ARG A 228 -24.69 -23.89 19.51
N ASP A 229 -23.63 -23.79 20.31
CA ASP A 229 -23.59 -24.03 21.75
C ASP A 229 -23.32 -22.77 22.58
N ILE A 230 -23.65 -21.58 22.05
CA ILE A 230 -23.46 -20.38 22.84
C ILE A 230 -24.85 -19.97 23.32
N HIS A 231 -25.82 -19.94 22.39
CA HIS A 231 -27.18 -19.47 22.63
C HIS A 231 -28.20 -20.55 22.28
N ARG A 232 -29.42 -20.41 22.79
CA ARG A 232 -30.51 -21.38 22.55
C ARG A 232 -31.58 -20.81 21.63
N ASN A 233 -31.27 -19.67 20.99
CA ASN A 233 -32.18 -18.99 20.05
C ASN A 233 -31.41 -18.18 19.02
N TYR A 234 -32.15 -17.42 18.17
CA TYR A 234 -31.60 -16.57 17.15
C TYR A 234 -30.44 -15.71 17.70
N VAL A 235 -29.31 -15.71 17.00
CA VAL A 235 -28.16 -14.89 17.39
C VAL A 235 -28.28 -13.67 16.50
N ASP A 236 -28.71 -12.54 17.09
CA ASP A 236 -29.05 -11.36 16.31
C ASP A 236 -27.98 -10.29 16.26
N CYS A 237 -26.88 -10.41 17.05
CA CYS A 237 -25.78 -9.44 17.00
C CYS A 237 -24.47 -10.11 17.31
N VAL A 238 -23.39 -9.72 16.59
CA VAL A 238 -22.06 -10.30 16.79
C VAL A 238 -21.00 -9.27 16.49
N ARG A 239 -19.97 -9.20 17.36
CA ARG A 239 -18.82 -8.31 17.17
C ARG A 239 -17.60 -8.97 17.76
N TRP A 240 -16.44 -8.76 17.13
CA TRP A 240 -15.17 -9.19 17.66
C TRP A 240 -14.78 -8.23 18.79
N LEU A 241 -14.06 -8.76 19.78
CA LEU A 241 -13.42 -8.02 20.86
C LEU A 241 -12.01 -8.65 20.93
N GLY A 242 -11.07 -8.09 20.17
CA GLY A 242 -9.73 -8.66 20.04
C GLY A 242 -9.86 -10.00 19.34
N ASP A 243 -9.41 -11.08 19.97
CA ASP A 243 -9.53 -12.46 19.45
C ASP A 243 -10.72 -13.16 20.06
N LEU A 244 -11.44 -12.46 20.93
CA LEU A 244 -12.63 -12.94 21.61
C LEU A 244 -13.86 -12.47 20.82
N ILE A 245 -15.05 -13.08 21.13
CA ILE A 245 -16.32 -12.74 20.50
C ILE A 245 -17.32 -12.24 21.52
N LEU A 246 -18.15 -11.28 21.09
CA LEU A 246 -19.29 -10.72 21.83
C LEU A 246 -20.49 -11.06 20.98
N SER A 247 -21.44 -11.79 21.54
CA SER A 247 -22.65 -12.16 20.81
C SER A 247 -23.85 -12.25 21.72
N LYS A 248 -25.00 -11.96 21.16
CA LYS A 248 -26.20 -12.05 21.95
C LYS A 248 -27.31 -12.71 21.20
N SER A 249 -28.25 -13.20 21.97
CA SER A 249 -29.52 -13.72 21.56
C SER A 249 -30.57 -12.89 22.37
N CYS A 250 -31.72 -13.45 22.66
CA CYS A 250 -32.81 -12.80 23.39
C CYS A 250 -32.85 -13.19 24.90
N GLU A 251 -31.77 -13.80 25.42
CA GLU A 251 -31.65 -14.36 26.78
C GLU A 251 -31.14 -13.38 27.87
N ASN A 252 -31.26 -12.07 27.61
CA ASN A 252 -30.89 -10.98 28.49
C ASN A 252 -29.40 -10.97 28.90
N ALA A 253 -28.53 -11.47 28.02
CA ALA A 253 -27.11 -11.42 28.25
C ALA A 253 -26.32 -11.26 26.94
N ILE A 254 -25.19 -10.55 27.01
CA ILE A 254 -24.24 -10.53 25.89
C ILE A 254 -23.18 -11.52 26.36
N VAL A 255 -22.85 -12.53 25.56
CA VAL A 255 -21.88 -13.54 25.94
C VAL A 255 -20.52 -13.29 25.30
N CYS A 256 -19.46 -13.26 26.13
CA CYS A 256 -18.09 -13.16 25.70
C CYS A 256 -17.50 -14.55 25.67
N TRP A 257 -17.10 -15.02 24.46
CA TRP A 257 -16.58 -16.36 24.26
C TRP A 257 -15.46 -16.45 23.22
N LYS A 258 -14.86 -17.64 23.09
CA LYS A 258 -13.82 -17.88 22.11
C LYS A 258 -13.92 -19.28 21.54
N PRO A 259 -13.71 -19.46 20.22
CA PRO A 259 -13.70 -20.82 19.67
C PRO A 259 -12.58 -21.63 20.34
N GLY A 260 -12.84 -22.91 20.55
CA GLY A 260 -11.89 -23.85 21.15
C GLY A 260 -11.73 -23.74 22.65
N LYS A 261 -10.69 -24.41 23.18
CA LYS A 261 -10.35 -24.43 24.59
C LYS A 261 -9.72 -23.11 25.03
N MET A 262 -9.70 -22.88 26.35
CA MET A 262 -9.13 -21.69 27.00
C MET A 262 -7.84 -21.15 26.37
N GLU A 263 -6.86 -22.02 26.10
CA GLU A 263 -5.54 -21.66 25.58
C GLU A 263 -5.45 -21.64 24.03
N ASP A 264 -6.47 -22.14 23.32
CA ASP A 264 -6.45 -22.22 21.86
C ASP A 264 -6.37 -20.86 21.13
N ASP A 265 -5.30 -20.66 20.34
CA ASP A 265 -5.05 -19.47 19.52
C ASP A 265 -6.05 -19.44 18.37
N ILE A 266 -6.73 -18.29 18.20
CA ILE A 266 -7.77 -18.08 17.18
C ILE A 266 -7.31 -18.49 15.76
N ASP A 267 -6.03 -18.26 15.45
CA ASP A 267 -5.45 -18.58 14.17
C ASP A 267 -4.95 -20.03 14.08
N LYS A 268 -5.05 -20.82 15.17
CA LYS A 268 -4.66 -22.23 15.19
C LYS A 268 -5.87 -23.16 15.29
N ILE A 269 -7.09 -22.62 15.53
CA ILE A 269 -8.25 -23.53 15.60
C ILE A 269 -8.57 -24.09 14.20
N LYS A 270 -8.84 -25.40 14.14
CA LYS A 270 -9.15 -26.08 12.89
C LYS A 270 -10.66 -26.02 12.56
N PRO A 271 -11.05 -26.06 11.24
CA PRO A 271 -12.48 -25.98 10.89
C PRO A 271 -13.43 -26.93 11.63
N SER A 272 -12.94 -28.10 12.08
CA SER A 272 -13.76 -29.08 12.79
C SER A 272 -13.75 -28.89 14.33
N GLU A 273 -13.02 -27.90 14.86
CA GLU A 273 -12.97 -27.59 16.30
C GLU A 273 -14.36 -27.63 16.94
N SER A 274 -14.56 -28.57 17.91
CA SER A 274 -15.86 -28.81 18.59
C SER A 274 -15.99 -28.08 19.93
N ASN A 275 -14.90 -27.56 20.46
CA ASN A 275 -14.86 -26.86 21.74
C ASN A 275 -15.19 -25.37 21.63
N VAL A 276 -15.69 -24.83 22.74
CA VAL A 276 -16.08 -23.43 22.87
C VAL A 276 -15.86 -23.03 24.34
N THR A 277 -15.21 -21.88 24.57
CA THR A 277 -14.91 -21.35 25.90
C THR A 277 -15.60 -19.99 26.16
N ILE A 278 -16.44 -19.96 27.18
CA ILE A 278 -17.13 -18.73 27.62
C ILE A 278 -16.21 -18.07 28.66
N LEU A 279 -15.94 -16.78 28.50
CA LEU A 279 -15.10 -16.01 29.41
C LEU A 279 -15.90 -15.16 30.40
N GLY A 280 -17.13 -14.84 30.02
CA GLY A 280 -18.06 -14.03 30.82
C GLY A 280 -19.36 -13.77 30.12
N ARG A 281 -20.23 -13.01 30.78
CA ARG A 281 -21.57 -12.58 30.34
C ARG A 281 -21.85 -11.14 30.87
N PHE A 282 -22.40 -10.26 30.03
CA PHE A 282 -22.83 -8.90 30.42
C PHE A 282 -24.35 -9.00 30.47
N ASP A 283 -24.92 -9.17 31.68
CA ASP A 283 -26.37 -9.34 31.94
C ASP A 283 -27.08 -7.99 32.02
N TYR A 284 -28.34 -7.99 31.64
CA TYR A 284 -29.22 -6.81 31.67
C TYR A 284 -30.64 -7.35 31.81
N SER A 285 -31.62 -6.48 31.74
CA SER A 285 -33.03 -6.88 31.83
C SER A 285 -33.84 -6.27 30.69
N GLN A 286 -35.03 -6.83 30.48
CA GLN A 286 -36.05 -6.41 29.51
C GLN A 286 -35.53 -6.17 28.08
N CYS A 287 -34.76 -7.11 27.56
CA CYS A 287 -34.28 -7.11 26.17
C CYS A 287 -34.41 -8.55 25.71
N ASP A 288 -35.59 -9.11 25.99
CA ASP A 288 -35.97 -10.49 25.69
C ASP A 288 -36.63 -10.69 24.30
N ILE A 289 -36.84 -9.58 23.55
CA ILE A 289 -37.43 -9.58 22.20
C ILE A 289 -36.32 -9.63 21.12
N TRP A 290 -36.58 -10.32 19.98
CA TRP A 290 -35.57 -10.44 18.91
C TRP A 290 -35.24 -9.10 18.23
N TYR A 291 -34.06 -9.04 17.54
CA TYR A 291 -33.57 -7.94 16.67
C TYR A 291 -33.21 -6.63 17.41
N MET A 292 -32.27 -6.73 18.36
CA MET A 292 -31.77 -5.62 19.19
C MET A 292 -30.26 -5.66 19.07
N ARG A 293 -29.66 -4.59 18.53
N ARG A 293 -29.65 -4.59 18.56
CA ARG A 293 -28.22 -4.53 18.28
CA ARG A 293 -28.22 -4.54 18.31
C ARG A 293 -27.42 -3.87 19.40
C ARG A 293 -27.42 -3.87 19.40
N PHE A 294 -26.19 -4.39 19.65
CA PHE A 294 -25.25 -3.77 20.59
C PHE A 294 -24.13 -3.17 19.76
N SER A 295 -23.44 -2.17 20.32
CA SER A 295 -22.36 -1.47 19.67
C SER A 295 -21.26 -1.14 20.68
N MET A 296 -20.08 -0.83 20.15
CA MET A 296 -18.92 -0.39 20.89
C MET A 296 -18.42 0.90 20.29
N ASP A 297 -17.66 1.66 21.07
CA ASP A 297 -17.02 2.87 20.59
C ASP A 297 -15.81 2.38 19.75
N PHE A 298 -15.06 3.28 19.11
CA PHE A 298 -13.89 2.95 18.29
C PHE A 298 -12.80 2.22 19.10
N TRP A 299 -12.43 2.73 20.29
CA TRP A 299 -11.35 2.14 21.09
C TRP A 299 -11.74 0.86 21.82
N GLN A 300 -13.04 0.47 21.71
CA GLN A 300 -13.61 -0.74 22.35
C GLN A 300 -13.45 -0.67 23.87
N LYS A 301 -13.67 0.52 24.43
CA LYS A 301 -13.63 0.79 25.87
C LYS A 301 -15.04 0.77 26.44
N MET A 302 -16.04 0.98 25.56
CA MET A 302 -17.43 1.03 25.94
C MET A 302 -18.29 0.12 25.09
N LEU A 303 -19.30 -0.47 25.74
CA LEU A 303 -20.27 -1.37 25.13
C LEU A 303 -21.61 -0.80 25.49
N ALA A 304 -22.52 -0.70 24.51
CA ALA A 304 -23.85 -0.16 24.71
C ALA A 304 -24.88 -1.07 24.11
N LEU A 305 -26.05 -1.08 24.71
CA LEU A 305 -27.18 -1.84 24.22
C LEU A 305 -28.44 -1.21 24.76
N GLY A 306 -29.41 -1.02 23.88
CA GLY A 306 -30.73 -0.53 24.28
C GLY A 306 -31.67 -1.69 24.55
N ASN A 307 -32.75 -1.44 25.33
CA ASN A 307 -33.72 -2.49 25.60
C ASN A 307 -35.09 -2.12 25.04
N GLN A 308 -36.09 -3.02 25.19
CA GLN A 308 -37.44 -2.83 24.63
C GLN A 308 -38.26 -1.74 25.32
N VAL A 309 -37.74 -1.18 26.40
CA VAL A 309 -38.46 -0.22 27.22
C VAL A 309 -37.77 1.21 27.28
N GLY A 310 -36.84 1.47 26.37
CA GLY A 310 -36.21 2.77 26.29
C GLY A 310 -34.98 2.98 27.14
N LYS A 311 -34.54 1.95 27.86
CA LYS A 311 -33.35 2.03 28.68
C LYS A 311 -32.10 1.75 27.85
N LEU A 312 -31.01 2.48 28.16
CA LEU A 312 -29.76 2.30 27.46
C LEU A 312 -28.68 1.82 28.41
N TYR A 313 -28.24 0.57 28.27
CA TYR A 313 -27.20 0.00 29.13
C TYR A 313 -25.81 0.27 28.56
N VAL A 314 -24.87 0.61 29.44
CA VAL A 314 -23.47 0.88 29.09
C VAL A 314 -22.56 0.11 30.05
N TRP A 315 -21.48 -0.50 29.50
CA TRP A 315 -20.47 -1.25 30.26
C TRP A 315 -19.08 -0.70 29.93
N ASP A 316 -18.18 -0.73 30.92
CA ASP A 316 -16.80 -0.31 30.74
C ASP A 316 -16.01 -1.58 30.45
N LEU A 317 -15.62 -1.78 29.17
CA LEU A 317 -14.90 -2.98 28.71
C LEU A 317 -13.47 -3.08 29.30
N GLU A 318 -12.99 -2.03 29.97
CA GLU A 318 -11.69 -2.05 30.61
C GLU A 318 -11.72 -2.63 32.04
N VAL A 319 -12.94 -2.95 32.55
CA VAL A 319 -13.18 -3.58 33.85
C VAL A 319 -13.47 -5.06 33.54
N GLU A 320 -12.54 -5.96 33.93
CA GLU A 320 -12.56 -7.40 33.68
C GLU A 320 -13.84 -8.12 34.12
N ASP A 321 -14.35 -7.84 35.32
CA ASP A 321 -15.58 -8.49 35.77
C ASP A 321 -16.76 -7.77 35.13
N PRO A 322 -17.52 -8.45 34.24
CA PRO A 322 -18.67 -7.80 33.59
C PRO A 322 -19.73 -7.23 34.52
N HIS A 323 -19.92 -7.82 35.73
CA HIS A 323 -20.90 -7.29 36.69
C HIS A 323 -20.39 -5.98 37.31
N LYS A 324 -19.06 -5.89 37.46
CA LYS A 324 -18.38 -4.71 38.01
C LYS A 324 -18.19 -3.63 36.93
N ALA A 325 -18.26 -4.03 35.65
CA ALA A 325 -18.12 -3.20 34.45
C ALA A 325 -19.35 -2.33 34.17
N LYS A 326 -20.50 -2.68 34.78
CA LYS A 326 -21.76 -1.99 34.59
C LYS A 326 -21.70 -0.50 34.91
N CYS A 327 -22.22 0.34 33.99
CA CYS A 327 -22.33 1.80 34.15
C CYS A 327 -23.74 2.11 34.55
N THR A 328 -23.98 3.36 35.04
CA THR A 328 -25.33 3.83 35.36
C THR A 328 -26.11 3.78 34.03
N THR A 329 -27.25 3.06 34.04
CA THR A 329 -28.17 2.90 32.92
C THR A 329 -28.80 4.24 32.57
N LEU A 330 -28.82 4.56 31.27
CA LEU A 330 -29.30 5.83 30.75
C LEU A 330 -30.80 5.77 30.46
N THR A 331 -31.58 6.59 31.19
CA THR A 331 -33.04 6.62 31.07
C THR A 331 -33.55 8.06 31.02
N HIS A 332 -34.61 8.27 30.25
CA HIS A 332 -35.32 9.53 30.12
C HIS A 332 -36.79 9.14 30.16
N HIS A 333 -37.61 9.85 30.97
CA HIS A 333 -39.03 9.51 31.18
C HIS A 333 -39.88 9.53 29.92
N LYS A 334 -39.40 10.22 28.86
CA LYS A 334 -40.08 10.30 27.57
C LYS A 334 -39.57 9.23 26.56
N CYS A 335 -38.51 8.49 26.92
CA CYS A 335 -37.92 7.45 26.04
C CYS A 335 -38.41 6.12 26.56
N GLY A 336 -39.52 5.64 26.00
CA GLY A 336 -40.14 4.38 26.41
C GLY A 336 -40.16 3.27 25.37
N ALA A 337 -39.85 3.61 24.09
CA ALA A 337 -39.87 2.65 22.95
C ALA A 337 -38.54 1.90 22.81
N ALA A 338 -38.59 0.70 22.18
CA ALA A 338 -37.44 -0.18 21.93
C ALA A 338 -36.31 0.54 21.21
N ILE A 339 -35.10 0.50 21.78
CA ILE A 339 -33.90 1.07 21.17
C ILE A 339 -33.28 -0.03 20.27
N ARG A 340 -33.51 0.08 18.94
CA ARG A 340 -33.06 -0.89 17.91
C ARG A 340 -31.57 -0.87 17.72
N GLN A 341 -30.96 0.33 17.73
CA GLN A 341 -29.52 0.46 17.60
C GLN A 341 -28.98 1.76 18.25
N THR A 342 -27.68 1.73 18.62
CA THR A 342 -26.93 2.86 19.19
C THR A 342 -25.63 3.08 18.44
N SER A 343 -25.10 4.30 18.49
CA SER A 343 -23.83 4.65 17.88
C SER A 343 -23.08 5.66 18.70
N PHE A 344 -21.80 5.38 18.95
CA PHE A 344 -20.88 6.32 19.60
C PHE A 344 -20.19 7.15 18.50
N SER A 345 -19.94 8.47 18.74
CA SER A 345 -19.12 9.27 17.80
C SER A 345 -17.69 8.72 17.88
N ARG A 346 -16.85 8.94 16.87
CA ARG A 346 -15.49 8.38 16.85
C ARG A 346 -14.71 8.60 18.18
N ASP A 347 -14.88 9.77 18.82
CA ASP A 347 -14.20 10.11 20.07
C ASP A 347 -14.99 9.74 21.33
N SER A 348 -16.13 9.05 21.16
CA SER A 348 -17.05 8.56 22.18
C SER A 348 -17.58 9.65 23.13
N SER A 349 -17.57 10.91 22.69
CA SER A 349 -18.15 11.99 23.48
C SER A 349 -19.67 12.03 23.33
N ILE A 350 -20.20 11.45 22.22
CA ILE A 350 -21.63 11.42 21.89
C ILE A 350 -22.07 9.99 21.63
N LEU A 351 -23.26 9.65 22.15
CA LEU A 351 -23.94 8.39 22.01
C LEU A 351 -25.39 8.69 21.54
N ILE A 352 -25.78 8.15 20.37
CA ILE A 352 -27.13 8.29 19.79
C ILE A 352 -27.86 6.95 19.84
N ALA A 353 -29.13 6.97 20.23
CA ALA A 353 -30.02 5.83 20.26
C ALA A 353 -31.22 6.17 19.38
N VAL A 354 -31.69 5.17 18.57
CA VAL A 354 -32.86 5.27 17.68
C VAL A 354 -33.92 4.25 18.11
N CYS A 355 -35.22 4.59 17.94
CA CYS A 355 -36.33 3.76 18.45
C CYS A 355 -37.39 3.33 17.43
N ASP A 356 -38.28 2.40 17.88
CA ASP A 356 -39.46 1.90 17.16
C ASP A 356 -40.50 3.00 16.89
N ASP A 357 -40.51 4.10 17.71
CA ASP A 357 -41.43 5.25 17.51
C ASP A 357 -40.77 6.40 16.70
N ALA A 358 -39.72 6.08 15.91
CA ALA A 358 -38.96 7.03 15.07
C ALA A 358 -38.24 8.12 15.87
N SER A 359 -38.08 7.92 17.17
CA SER A 359 -37.40 8.92 17.98
C SER A 359 -35.90 8.68 17.99
N ILE A 360 -35.13 9.79 18.15
CA ILE A 360 -33.66 9.82 18.16
C ILE A 360 -33.26 10.47 19.49
N TRP A 361 -32.30 9.88 20.25
CA TRP A 361 -31.89 10.40 21.55
C TRP A 361 -30.39 10.68 21.57
N ARG A 362 -30.02 11.89 21.98
CA ARG A 362 -28.60 12.29 22.07
C ARG A 362 -28.14 12.34 23.53
N TRP A 363 -27.13 11.51 23.86
CA TRP A 363 -26.47 11.43 25.17
C TRP A 363 -25.00 11.87 25.03
N ASP A 364 -24.63 12.91 25.79
CA ASP A 364 -23.28 13.48 25.75
C ASP A 364 -22.50 13.08 26.98
N ARG A 365 -21.23 12.72 26.79
CA ARG A 365 -20.33 12.32 27.88
C ARG A 365 -20.13 13.45 28.85
N LEU A 366 -20.27 13.16 30.13
CA LEU A 366 -20.15 14.09 31.26
C LEU A 366 -18.73 14.11 31.81
N LYS B 3 38.46 -14.08 1.14
CA LYS B 3 38.75 -13.82 -0.27
C LYS B 3 37.57 -14.15 -1.20
N CYS B 4 37.72 -13.81 -2.49
CA CYS B 4 36.72 -13.99 -3.53
C CYS B 4 36.75 -15.37 -4.18
N LYS B 5 35.54 -15.92 -4.45
CA LYS B 5 35.32 -17.25 -5.08
C LYS B 5 34.70 -17.14 -6.49
N TYR B 6 34.07 -15.99 -6.82
CA TYR B 6 33.41 -15.76 -8.11
C TYR B 6 34.36 -15.89 -9.31
N SER B 7 33.98 -16.74 -10.27
CA SER B 7 34.70 -17.02 -11.52
C SER B 7 33.70 -16.95 -12.66
N PHE B 8 34.18 -16.51 -13.83
CA PHE B 8 33.32 -16.35 -15.00
C PHE B 8 34.05 -16.83 -16.23
N LYS B 9 33.28 -17.22 -17.25
CA LYS B 9 33.86 -17.59 -18.52
C LYS B 9 33.20 -16.79 -19.66
N CYS B 10 33.99 -16.32 -20.63
CA CYS B 10 33.40 -15.57 -21.74
C CYS B 10 32.88 -16.58 -22.72
N VAL B 11 31.56 -16.64 -22.89
CA VAL B 11 30.89 -17.66 -23.72
C VAL B 11 30.45 -17.15 -25.09
N ASN B 12 30.30 -15.82 -25.24
CA ASN B 12 29.82 -15.23 -26.48
C ASN B 12 30.05 -13.73 -26.57
N SER B 13 29.98 -13.24 -27.82
CA SER B 13 30.12 -11.82 -28.16
C SER B 13 29.54 -11.55 -29.53
N LEU B 14 29.19 -10.29 -29.78
CA LEU B 14 28.68 -9.82 -31.07
C LEU B 14 28.98 -8.31 -31.22
N LYS B 15 28.76 -7.78 -32.41
CA LYS B 15 28.98 -6.37 -32.72
C LYS B 15 27.74 -5.86 -33.41
N GLU B 16 27.15 -4.76 -32.89
CA GLU B 16 25.98 -4.13 -33.52
C GLU B 16 26.46 -3.42 -34.78
N ASP B 17 25.72 -3.56 -35.91
CA ASP B 17 26.12 -3.07 -37.24
C ASP B 17 26.32 -1.54 -37.37
N HIS B 18 25.71 -0.72 -36.47
CA HIS B 18 25.85 0.76 -36.51
C HIS B 18 27.28 1.22 -36.20
N ASN B 19 28.09 0.38 -35.54
CA ASN B 19 29.50 0.61 -35.16
C ASN B 19 29.73 1.85 -34.25
N GLN B 20 28.64 2.44 -33.71
CA GLN B 20 28.75 3.59 -32.81
C GLN B 20 28.92 3.12 -31.36
N PRO B 21 29.57 3.93 -30.50
CA PRO B 21 29.68 3.54 -29.08
C PRO B 21 28.37 3.15 -28.41
N LEU B 22 28.43 2.16 -27.54
CA LEU B 22 27.28 1.66 -26.77
C LEU B 22 27.48 2.21 -25.37
N PHE B 23 26.55 3.05 -24.93
CA PHE B 23 26.64 3.78 -23.66
C PHE B 23 26.02 3.06 -22.50
N GLY B 24 25.05 2.20 -22.77
CA GLY B 24 24.35 1.54 -21.68
C GLY B 24 23.86 0.15 -21.98
N VAL B 25 23.71 -0.61 -20.91
CA VAL B 25 23.20 -1.98 -20.91
C VAL B 25 22.45 -2.21 -19.63
N GLN B 26 21.25 -2.83 -19.69
CA GLN B 26 20.46 -3.14 -18.52
C GLN B 26 19.69 -4.45 -18.73
N PHE B 27 19.89 -5.43 -17.84
CA PHE B 27 19.05 -6.62 -17.80
C PHE B 27 17.70 -6.15 -17.22
N ASN B 28 16.60 -6.79 -17.62
CA ASN B 28 15.30 -6.47 -17.04
C ASN B 28 15.15 -7.31 -15.76
N TRP B 29 15.29 -6.66 -14.62
CA TRP B 29 15.20 -7.27 -13.31
C TRP B 29 13.76 -7.48 -12.85
N HIS B 30 12.74 -6.98 -13.63
CA HIS B 30 11.31 -7.14 -13.27
C HIS B 30 10.76 -8.44 -13.82
N SER B 31 11.47 -9.05 -14.81
CA SER B 31 11.03 -10.33 -15.37
C SER B 31 10.96 -11.38 -14.25
N LYS B 32 9.85 -12.11 -14.19
CA LYS B 32 9.64 -13.09 -13.12
C LYS B 32 10.51 -14.36 -13.32
N GLU B 33 10.81 -15.07 -12.22
CA GLU B 33 11.59 -16.32 -12.16
C GLU B 33 11.06 -17.31 -13.21
N GLY B 34 11.96 -17.86 -14.00
CA GLY B 34 11.64 -18.82 -15.04
C GLY B 34 11.56 -18.19 -16.41
N ASP B 35 11.15 -16.91 -16.46
CA ASP B 35 11.06 -16.15 -17.72
C ASP B 35 12.43 -15.89 -18.29
N PRO B 36 12.55 -15.75 -19.63
CA PRO B 36 13.86 -15.55 -20.25
C PRO B 36 14.59 -14.28 -19.79
N LEU B 37 15.91 -14.39 -19.58
CA LEU B 37 16.74 -13.27 -19.13
C LEU B 37 16.96 -12.34 -20.30
N VAL B 38 16.45 -11.13 -20.17
CA VAL B 38 16.52 -10.22 -21.32
C VAL B 38 17.19 -8.93 -20.93
N PHE B 39 18.03 -8.39 -21.83
CA PHE B 39 18.68 -7.12 -21.61
C PHE B 39 18.48 -6.17 -22.79
N ALA B 40 18.69 -4.87 -22.54
CA ALA B 40 18.62 -3.84 -23.56
C ALA B 40 19.96 -3.12 -23.61
N THR B 41 20.35 -2.64 -24.83
CA THR B 41 21.55 -1.86 -25.07
C THR B 41 21.12 -0.57 -25.72
N VAL B 42 21.86 0.52 -25.46
CA VAL B 42 21.62 1.84 -26.04
C VAL B 42 22.90 2.40 -26.60
N GLY B 43 22.78 3.03 -27.75
CA GLY B 43 23.91 3.65 -28.44
C GLY B 43 23.39 4.25 -29.72
N SER B 44 24.04 5.33 -30.22
CA SER B 44 23.61 6.03 -31.43
C SER B 44 22.14 6.38 -31.21
N ASN B 45 21.29 6.28 -32.25
CA ASN B 45 19.86 6.51 -32.09
C ASN B 45 19.15 5.17 -31.94
N ARG B 46 19.84 4.16 -31.36
CA ARG B 46 19.25 2.80 -31.22
C ARG B 46 19.12 2.29 -29.78
N VAL B 47 18.07 1.49 -29.59
CA VAL B 47 17.73 0.73 -28.39
C VAL B 47 17.54 -0.67 -28.94
N THR B 48 18.30 -1.65 -28.43
CA THR B 48 18.20 -3.04 -28.89
C THR B 48 17.98 -4.02 -27.72
N LEU B 49 17.08 -4.99 -27.91
CA LEU B 49 16.71 -6.02 -26.92
C LEU B 49 17.25 -7.41 -27.33
N TYR B 50 17.76 -8.14 -26.34
CA TYR B 50 18.34 -9.47 -26.51
C TYR B 50 17.88 -10.39 -25.45
N GLU B 51 17.81 -11.66 -25.80
CA GLU B 51 17.41 -12.69 -24.88
C GLU B 51 18.57 -13.66 -24.73
N CYS B 52 18.85 -14.05 -23.50
CA CYS B 52 19.94 -14.96 -23.18
C CYS B 52 19.43 -16.39 -23.10
N HIS B 53 20.10 -17.27 -23.82
CA HIS B 53 19.75 -18.69 -23.82
C HIS B 53 20.96 -19.52 -23.45
N SER B 54 20.78 -20.85 -23.44
CA SER B 54 21.77 -21.89 -23.17
C SER B 54 22.95 -21.71 -24.08
N GLN B 55 24.08 -22.27 -23.66
CA GLN B 55 25.34 -22.33 -24.41
C GLN B 55 25.77 -20.98 -24.97
N GLY B 56 25.60 -19.96 -24.11
CA GLY B 56 25.96 -18.57 -24.38
C GLY B 56 25.23 -17.90 -25.52
N GLU B 57 24.14 -18.51 -26.01
CA GLU B 57 23.39 -17.88 -27.11
C GLU B 57 22.81 -16.48 -26.75
N ILE B 58 23.03 -15.50 -27.64
CA ILE B 58 22.44 -14.17 -27.45
C ILE B 58 21.49 -14.02 -28.62
N ARG B 59 20.18 -14.03 -28.34
CA ARG B 59 19.15 -13.92 -29.38
C ARG B 59 18.61 -12.49 -29.53
N LEU B 60 18.78 -11.91 -30.74
CA LEU B 60 18.29 -10.58 -31.09
C LEU B 60 16.74 -10.60 -31.04
N LEU B 61 16.12 -9.67 -30.28
CA LEU B 61 14.65 -9.70 -30.18
C LEU B 61 14.05 -8.63 -31.03
N GLN B 62 14.36 -7.37 -30.73
CA GLN B 62 13.80 -6.21 -31.40
C GLN B 62 14.82 -5.09 -31.43
N SER B 63 14.67 -4.17 -32.38
CA SER B 63 15.47 -2.95 -32.52
C SER B 63 14.53 -1.74 -32.57
N TYR B 64 14.95 -0.64 -31.97
CA TYR B 64 14.22 0.63 -31.98
C TYR B 64 15.16 1.65 -32.60
N VAL B 65 14.82 2.14 -33.79
CA VAL B 65 15.61 3.18 -34.46
C VAL B 65 14.79 4.44 -34.27
N ASP B 66 15.34 5.44 -33.57
CA ASP B 66 14.66 6.72 -33.37
C ASP B 66 14.48 7.40 -34.73
N ALA B 67 13.33 8.10 -34.91
CA ALA B 67 13.01 8.83 -36.14
C ALA B 67 14.06 9.91 -36.42
N ASP B 68 14.57 10.55 -35.35
CA ASP B 68 15.63 11.56 -35.44
C ASP B 68 16.98 10.85 -35.54
N ALA B 69 17.65 11.02 -36.70
CA ALA B 69 18.95 10.43 -37.04
C ALA B 69 20.09 10.97 -36.17
N ASP B 70 19.91 12.16 -35.58
CA ASP B 70 20.92 12.82 -34.75
C ASP B 70 20.72 12.60 -33.22
N GLU B 71 19.78 11.74 -32.81
CA GLU B 71 19.61 11.38 -31.41
C GLU B 71 20.75 10.42 -31.00
N ASN B 72 21.26 10.56 -29.79
CA ASN B 72 22.29 9.70 -29.24
C ASN B 72 21.84 9.27 -27.85
N PHE B 73 21.34 8.05 -27.73
CA PHE B 73 20.86 7.52 -26.45
C PHE B 73 22.03 7.24 -25.53
N TYR B 74 21.91 7.72 -24.27
CA TYR B 74 23.00 7.59 -23.29
C TYR B 74 22.67 6.62 -22.17
N THR B 75 21.38 6.31 -22.01
CA THR B 75 20.88 5.57 -20.86
C THR B 75 19.53 4.95 -21.11
N CYS B 76 19.20 3.95 -20.28
CA CYS B 76 17.93 3.26 -20.33
C CYS B 76 17.71 2.65 -18.96
N ALA B 77 16.45 2.43 -18.60
CA ALA B 77 16.03 1.83 -17.34
C ALA B 77 14.71 1.12 -17.61
N TRP B 78 14.50 -0.02 -16.95
CA TRP B 78 13.28 -0.79 -17.11
C TRP B 78 12.29 -0.50 -15.99
N THR B 79 11.02 -0.59 -16.32
CA THR B 79 9.92 -0.53 -15.35
C THR B 79 8.83 -1.49 -15.82
N TYR B 80 7.68 -1.44 -15.14
CA TYR B 80 6.46 -2.16 -15.47
C TYR B 80 5.24 -1.24 -15.24
N ASP B 81 4.16 -1.50 -16.02
CA ASP B 81 2.89 -0.82 -15.91
C ASP B 81 2.26 -1.35 -14.62
N SER B 82 1.97 -0.46 -13.67
CA SER B 82 1.40 -0.80 -12.34
C SER B 82 0.00 -1.43 -12.41
N ASN B 83 -0.66 -1.36 -13.58
CA ASN B 83 -2.02 -1.87 -13.81
C ASN B 83 -2.03 -3.20 -14.55
N THR B 84 -1.43 -3.21 -15.76
CA THR B 84 -1.39 -4.35 -16.68
C THR B 84 -0.21 -5.30 -16.49
N SER B 85 0.74 -4.96 -15.58
CA SER B 85 1.97 -5.73 -15.27
C SER B 85 2.97 -5.79 -16.43
N HIS B 86 2.60 -5.24 -17.61
CA HIS B 86 3.35 -5.17 -18.86
C HIS B 86 4.73 -4.51 -18.67
N PRO B 87 5.83 -5.06 -19.24
CA PRO B 87 7.14 -4.41 -19.09
C PRO B 87 7.24 -3.13 -19.92
N LEU B 88 8.03 -2.16 -19.42
CA LEU B 88 8.27 -0.90 -20.11
C LEU B 88 9.75 -0.55 -19.99
N LEU B 89 10.26 0.21 -20.95
CA LEU B 89 11.63 0.63 -20.99
C LEU B 89 11.69 2.13 -21.28
N ALA B 90 12.41 2.87 -20.42
CA ALA B 90 12.62 4.31 -20.64
C ALA B 90 14.03 4.50 -21.15
N VAL B 91 14.19 5.32 -22.18
CA VAL B 91 15.49 5.63 -22.80
C VAL B 91 15.57 7.15 -22.99
N ALA B 92 16.79 7.70 -23.00
CA ALA B 92 17.03 9.13 -23.18
C ALA B 92 18.47 9.36 -23.53
N GLY B 93 18.77 10.52 -24.10
CA GLY B 93 20.11 10.90 -24.49
C GLY B 93 20.31 12.38 -24.79
N SER B 94 21.13 12.66 -25.82
CA SER B 94 21.54 14.00 -26.28
C SER B 94 20.38 14.99 -26.50
N ARG B 95 19.25 14.55 -27.08
CA ARG B 95 18.10 15.42 -27.35
C ARG B 95 17.39 15.96 -26.08
N GLY B 96 17.50 15.23 -24.97
CA GLY B 96 16.85 15.58 -23.71
C GLY B 96 15.40 15.15 -23.68
N ILE B 97 15.04 14.12 -24.49
CA ILE B 97 13.67 13.59 -24.55
C ILE B 97 13.64 12.18 -23.94
N ILE B 98 12.78 11.97 -22.95
CA ILE B 98 12.56 10.67 -22.32
C ILE B 98 11.49 9.96 -23.16
N ARG B 99 11.81 8.77 -23.66
CA ARG B 99 10.84 7.98 -24.41
C ARG B 99 10.53 6.75 -23.60
N ILE B 100 9.24 6.44 -23.43
CA ILE B 100 8.77 5.22 -22.77
C ILE B 100 8.35 4.32 -23.97
N ILE B 101 9.11 3.23 -24.15
CA ILE B 101 8.91 2.25 -25.21
C ILE B 101 8.25 0.98 -24.67
N ASN B 102 7.39 0.40 -25.49
CA ASN B 102 6.74 -0.87 -25.19
C ASN B 102 7.76 -1.89 -25.75
N PRO B 103 8.47 -2.65 -24.88
CA PRO B 103 9.46 -3.60 -25.37
C PRO B 103 8.93 -4.68 -26.31
N ILE B 104 7.66 -5.09 -26.20
CA ILE B 104 7.10 -6.14 -27.09
C ILE B 104 6.96 -5.66 -28.57
N THR B 105 6.52 -4.40 -28.80
CA THR B 105 6.29 -3.86 -30.13
C THR B 105 7.29 -2.82 -30.65
N MET B 106 8.14 -2.27 -29.76
CA MET B 106 9.08 -1.19 -30.09
C MET B 106 8.35 0.12 -30.41
N GLN B 107 7.11 0.24 -29.92
CA GLN B 107 6.35 1.46 -30.10
C GLN B 107 6.65 2.42 -28.92
N CYS B 108 6.95 3.70 -29.24
CA CYS B 108 7.10 4.77 -28.26
C CYS B 108 5.66 5.10 -27.81
N ILE B 109 5.32 4.75 -26.54
CA ILE B 109 4.03 4.93 -25.88
C ILE B 109 3.85 6.41 -25.53
N LYS B 110 4.86 6.98 -24.85
CA LYS B 110 4.88 8.36 -24.42
C LYS B 110 6.28 8.92 -24.32
N HIS B 111 6.40 10.24 -24.43
CA HIS B 111 7.65 10.94 -24.31
C HIS B 111 7.52 12.17 -23.42
N TYR B 112 8.63 12.64 -22.86
CA TYR B 112 8.63 13.79 -21.98
C TYR B 112 9.68 14.76 -22.41
N VAL B 113 9.31 16.04 -22.44
CA VAL B 113 10.16 17.18 -22.77
C VAL B 113 10.17 18.07 -21.53
N GLY B 114 11.31 18.70 -21.28
CA GLY B 114 11.45 19.61 -20.14
C GLY B 114 12.88 19.90 -19.80
N HIS B 115 13.74 18.86 -19.80
CA HIS B 115 15.16 19.08 -19.54
C HIS B 115 15.70 20.04 -20.60
N GLY B 116 16.46 21.02 -20.15
CA GLY B 116 17.07 22.04 -21.02
C GLY B 116 18.16 21.50 -21.93
N ASN B 117 18.55 20.22 -21.74
CA ASN B 117 19.61 19.60 -22.51
C ASN B 117 19.68 18.07 -22.32
N ALA B 118 20.81 17.47 -22.74
CA ALA B 118 21.11 16.04 -22.67
C ALA B 118 20.76 15.40 -21.31
N ILE B 119 20.19 14.20 -21.36
CA ILE B 119 19.88 13.36 -20.21
C ILE B 119 20.99 12.30 -20.15
N ASN B 120 21.71 12.28 -19.03
CA ASN B 120 22.87 11.41 -18.80
C ASN B 120 22.52 10.14 -18.11
N GLU B 121 21.40 10.11 -17.37
CA GLU B 121 20.97 8.89 -16.66
C GLU B 121 19.50 8.87 -16.30
N LEU B 122 18.91 7.68 -16.38
CA LEU B 122 17.52 7.36 -15.99
C LEU B 122 17.54 6.31 -14.90
N LYS B 123 16.71 6.50 -13.90
CA LYS B 123 16.59 5.57 -12.78
C LYS B 123 15.16 5.48 -12.30
N PHE B 124 14.66 4.26 -12.14
CA PHE B 124 13.30 4.06 -11.58
C PHE B 124 13.39 3.85 -10.08
N HIS B 125 12.38 4.36 -9.36
CA HIS B 125 12.21 4.22 -7.91
C HIS B 125 12.12 2.72 -7.59
N PRO B 126 12.80 2.20 -6.54
CA PRO B 126 12.76 0.73 -6.29
C PRO B 126 11.41 0.18 -5.79
N ARG B 127 10.49 1.04 -5.30
CA ARG B 127 9.19 0.58 -4.78
C ARG B 127 8.02 0.99 -5.67
N ASP B 128 8.12 2.16 -6.30
CA ASP B 128 7.05 2.69 -7.15
C ASP B 128 7.51 2.72 -8.61
N PRO B 129 6.89 1.90 -9.52
CA PRO B 129 7.36 1.83 -10.91
C PRO B 129 7.01 3.03 -11.77
N ASN B 130 6.26 3.96 -11.22
CA ASN B 130 5.85 5.17 -11.94
C ASN B 130 6.79 6.34 -11.69
N LEU B 131 7.63 6.27 -10.64
CA LEU B 131 8.51 7.40 -10.33
C LEU B 131 9.84 7.30 -11.07
N LEU B 132 9.99 8.11 -12.09
CA LEU B 132 11.22 8.10 -12.88
C LEU B 132 12.10 9.32 -12.60
N LEU B 133 13.39 9.11 -12.36
CA LEU B 133 14.39 10.15 -12.14
C LEU B 133 15.30 10.30 -13.36
N SER B 134 15.41 11.51 -13.89
CA SER B 134 16.28 11.88 -15.02
C SER B 134 17.31 12.89 -14.51
N VAL B 135 18.55 12.78 -14.97
CA VAL B 135 19.64 13.68 -14.55
C VAL B 135 20.21 14.30 -15.82
N SER B 136 20.40 15.63 -15.78
CA SER B 136 20.70 16.33 -17.01
C SER B 136 21.92 17.28 -17.07
N LYS B 137 22.28 17.57 -18.31
CA LYS B 137 23.35 18.47 -18.73
C LYS B 137 22.99 19.90 -18.26
N ASP B 138 21.67 20.18 -18.02
CA ASP B 138 21.16 21.46 -17.55
C ASP B 138 21.40 21.70 -16.04
N HIS B 139 22.09 20.77 -15.33
CA HIS B 139 22.51 20.88 -13.92
C HIS B 139 21.44 20.42 -12.92
N ALA B 140 20.32 19.91 -13.43
CA ALA B 140 19.22 19.51 -12.58
C ALA B 140 18.82 18.05 -12.76
N LEU B 141 18.11 17.53 -11.76
CA LEU B 141 17.49 16.21 -11.73
C LEU B 141 16.00 16.50 -11.78
N ARG B 142 15.26 15.69 -12.53
CA ARG B 142 13.81 15.82 -12.58
C ARG B 142 13.17 14.52 -12.11
N LEU B 143 12.11 14.61 -11.28
CA LEU B 143 11.38 13.43 -10.78
C LEU B 143 10.03 13.43 -11.43
N TRP B 144 9.71 12.37 -12.22
CA TRP B 144 8.47 12.30 -12.97
C TRP B 144 7.58 11.19 -12.47
N ASN B 145 6.25 11.38 -12.63
CA ASN B 145 5.24 10.38 -12.31
C ASN B 145 4.67 10.02 -13.67
N ILE B 146 5.06 8.86 -14.20
CA ILE B 146 4.68 8.45 -15.56
C ILE B 146 3.27 7.82 -15.65
N GLN B 147 2.55 7.68 -14.51
CA GLN B 147 1.16 7.23 -14.50
C GLN B 147 0.31 8.47 -14.90
N THR B 148 0.53 9.64 -14.24
CA THR B 148 -0.22 10.87 -14.49
C THR B 148 0.48 11.87 -15.42
N ASP B 149 1.64 11.51 -15.98
CA ASP B 149 2.45 12.33 -16.89
C ASP B 149 2.78 13.70 -16.29
N THR B 150 3.18 13.70 -15.01
CA THR B 150 3.50 14.94 -14.29
C THR B 150 4.98 15.06 -13.92
N LEU B 151 5.47 16.31 -13.84
CA LEU B 151 6.81 16.60 -13.36
C LEU B 151 6.61 16.87 -11.85
N VAL B 152 6.98 15.91 -10.99
CA VAL B 152 6.79 16.00 -9.53
C VAL B 152 7.70 17.11 -8.96
N ALA B 153 9.02 17.02 -9.25
CA ALA B 153 10.01 17.93 -8.66
C ALA B 153 11.20 18.12 -9.58
N ILE B 154 11.89 19.25 -9.40
CA ILE B 154 13.15 19.63 -10.05
C ILE B 154 14.10 19.89 -8.88
N PHE B 155 15.21 19.18 -8.83
CA PHE B 155 16.23 19.30 -7.79
C PHE B 155 17.38 20.05 -8.42
N GLY B 156 17.44 21.35 -8.13
CA GLY B 156 18.44 22.25 -8.69
C GLY B 156 18.10 23.68 -8.35
N GLY B 157 19.02 24.57 -8.72
CA GLY B 157 18.85 25.99 -8.41
C GLY B 157 19.95 26.49 -7.52
N VAL B 158 19.60 27.26 -6.47
CA VAL B 158 20.56 27.95 -5.56
C VAL B 158 21.71 27.05 -5.06
N GLU B 159 21.39 25.87 -4.52
CA GLU B 159 22.44 24.97 -4.02
C GLU B 159 22.44 23.62 -4.76
N GLY B 160 21.95 23.64 -5.99
CA GLY B 160 21.95 22.46 -6.85
C GLY B 160 23.32 22.40 -7.51
N HIS B 161 23.50 21.40 -8.40
CA HIS B 161 24.75 21.24 -9.14
C HIS B 161 25.05 22.47 -9.99
N ARG B 162 26.33 22.75 -10.22
CA ARG B 162 26.79 23.90 -10.99
C ARG B 162 27.31 23.55 -12.38
N ASP B 163 27.29 22.26 -12.71
CA ASP B 163 27.69 21.74 -14.02
C ASP B 163 26.84 20.47 -14.21
N GLU B 164 26.94 19.78 -15.36
CA GLU B 164 26.17 18.57 -15.68
C GLU B 164 26.06 17.56 -14.57
N VAL B 165 24.87 17.00 -14.37
CA VAL B 165 24.67 15.92 -13.43
C VAL B 165 24.92 14.70 -14.29
N LEU B 166 25.83 13.85 -13.82
CA LEU B 166 26.25 12.68 -14.59
C LEU B 166 25.56 11.41 -14.20
N SER B 167 25.27 11.23 -12.89
CA SER B 167 24.68 10.02 -12.31
C SER B 167 23.91 10.35 -11.03
N ALA B 168 23.05 9.42 -10.62
CA ALA B 168 22.24 9.47 -9.40
C ALA B 168 21.77 8.08 -9.14
N ASP B 169 21.39 7.83 -7.89
CA ASP B 169 20.90 6.53 -7.46
C ASP B 169 19.96 6.71 -6.29
N TYR B 170 18.81 6.02 -6.33
CA TYR B 170 17.89 5.96 -5.19
C TYR B 170 18.54 4.94 -4.23
N ASP B 171 18.28 5.06 -2.94
CA ASP B 171 18.78 4.05 -2.00
C ASP B 171 17.84 2.82 -2.12
N LEU B 172 18.15 1.71 -1.42
CA LEU B 172 17.40 0.45 -1.54
C LEU B 172 15.89 0.58 -1.32
N LEU B 173 15.48 1.34 -0.30
CA LEU B 173 14.06 1.51 -0.02
C LEU B 173 13.41 2.70 -0.75
N GLY B 174 14.22 3.54 -1.41
CA GLY B 174 13.73 4.68 -2.18
C GLY B 174 13.25 5.84 -1.32
N GLU B 175 13.99 6.15 -0.23
CA GLU B 175 13.72 7.27 0.65
C GLU B 175 14.57 8.47 0.27
N LYS B 176 15.63 8.27 -0.52
CA LYS B 176 16.57 9.37 -0.84
C LYS B 176 17.40 9.10 -2.09
N ILE B 177 17.94 10.18 -2.69
CA ILE B 177 18.74 10.14 -3.91
C ILE B 177 20.08 10.82 -3.67
N MET B 178 21.16 10.19 -4.11
CA MET B 178 22.50 10.78 -4.11
C MET B 178 22.82 11.03 -5.59
N SER B 179 23.21 12.25 -5.95
CA SER B 179 23.52 12.60 -7.33
C SER B 179 24.97 13.02 -7.42
N CYS B 180 25.56 13.03 -8.62
CA CYS B 180 26.94 13.50 -8.79
C CYS B 180 27.18 14.06 -10.19
N GLY B 181 28.23 14.85 -10.35
CA GLY B 181 28.54 15.40 -11.67
C GLY B 181 29.85 16.14 -11.86
N MET B 182 29.91 16.90 -12.97
CA MET B 182 31.09 17.63 -13.43
C MET B 182 31.56 18.74 -12.49
N ASP B 183 30.75 19.11 -11.45
CA ASP B 183 31.16 20.15 -10.49
C ASP B 183 31.92 19.50 -9.35
N HIS B 184 32.25 18.19 -9.49
CA HIS B 184 33.00 17.34 -8.56
C HIS B 184 32.19 17.06 -7.30
N SER B 185 30.92 17.46 -7.23
CA SER B 185 30.17 17.25 -6.01
C SER B 185 29.21 16.07 -6.06
N LEU B 186 28.87 15.58 -4.88
CA LEU B 186 27.90 14.53 -4.61
C LEU B 186 26.87 15.23 -3.70
N LYS B 187 25.57 15.07 -3.99
CA LYS B 187 24.52 15.72 -3.19
C LYS B 187 23.45 14.74 -2.84
N LEU B 188 22.94 14.83 -1.59
CA LEU B 188 21.83 14.04 -1.07
C LEU B 188 20.52 14.85 -1.24
N TRP B 189 19.44 14.18 -1.70
CA TRP B 189 18.12 14.75 -1.91
C TRP B 189 17.12 13.79 -1.31
N ARG B 190 16.62 14.09 -0.11
CA ARG B 190 15.65 13.19 0.55
C ARG B 190 14.27 13.30 -0.05
N ILE B 191 13.63 12.15 -0.33
CA ILE B 191 12.30 12.17 -0.91
C ILE B 191 11.22 11.65 0.08
N ASN B 192 11.63 11.27 1.28
CA ASN B 192 10.75 10.81 2.35
C ASN B 192 10.41 12.00 3.28
N SER B 193 10.76 13.24 2.86
CA SER B 193 10.44 14.43 3.64
C SER B 193 8.96 14.63 3.44
N LYS B 194 8.33 15.30 4.40
CA LYS B 194 6.90 15.57 4.36
C LYS B 194 6.51 16.34 3.09
N ARG B 195 7.37 17.31 2.67
CA ARG B 195 7.20 18.13 1.47
C ARG B 195 7.18 17.23 0.21
N MET B 196 8.21 16.36 0.04
CA MET B 196 8.33 15.45 -1.07
C MET B 196 7.28 14.36 -1.09
N MET B 197 6.93 13.79 0.07
CA MET B 197 5.87 12.76 0.16
C MET B 197 4.55 13.36 -0.24
N ASN B 198 4.24 14.59 0.25
CA ASN B 198 3.02 15.29 -0.12
C ASN B 198 2.99 15.60 -1.63
N ALA B 199 4.13 16.12 -2.20
CA ALA B 199 4.25 16.40 -3.63
C ALA B 199 4.02 15.12 -4.49
N ILE B 200 4.57 13.98 -4.05
CA ILE B 200 4.36 12.70 -4.76
C ILE B 200 2.85 12.35 -4.69
N LYS B 201 2.22 12.52 -3.51
CA LYS B 201 0.80 12.22 -3.36
C LYS B 201 -0.05 13.09 -4.31
N GLU B 202 0.25 14.39 -4.40
CA GLU B 202 -0.45 15.33 -5.27
C GLU B 202 -0.26 14.99 -6.74
N SER B 203 0.93 14.45 -7.12
CA SER B 203 1.12 14.03 -8.53
C SER B 203 0.14 12.91 -8.89
N TYR B 204 -0.20 12.06 -7.91
CA TYR B 204 -1.18 10.98 -8.08
C TYR B 204 -2.64 11.49 -8.12
N ASP B 205 -2.97 12.50 -7.31
CA ASP B 205 -4.31 13.12 -7.24
C ASP B 205 -4.60 13.95 -8.49
N TYR B 206 -3.57 14.28 -9.29
CA TYR B 206 -3.74 15.12 -10.47
C TYR B 206 -4.54 14.45 -11.57
N ASN B 207 -5.56 15.17 -12.07
CA ASN B 207 -6.43 14.70 -13.14
C ASN B 207 -6.78 15.87 -14.10
N PRO B 208 -6.28 15.86 -15.35
CA PRO B 208 -6.57 16.97 -16.29
C PRO B 208 -8.03 17.10 -16.76
N ASN B 209 -8.83 16.03 -16.64
CA ASN B 209 -10.24 16.03 -17.02
C ASN B 209 -11.15 16.23 -15.78
N LYS B 210 -10.58 16.89 -14.76
CA LYS B 210 -11.21 17.23 -13.48
C LYS B 210 -10.88 18.69 -13.15
N THR B 211 -9.69 19.15 -13.62
CA THR B 211 -9.17 20.51 -13.41
C THR B 211 -8.38 20.99 -14.64
N ASN B 212 -8.64 22.24 -15.08
CA ASN B 212 -7.97 22.84 -16.25
C ASN B 212 -6.61 23.46 -15.88
N ARG B 213 -6.32 23.58 -14.58
CA ARG B 213 -5.06 24.12 -14.09
C ARG B 213 -3.90 23.14 -14.35
N PRO B 214 -2.69 23.61 -14.76
CA PRO B 214 -1.57 22.67 -14.95
C PRO B 214 -1.04 22.21 -13.58
N PHE B 215 -0.30 21.07 -13.55
CA PHE B 215 0.27 20.58 -12.31
C PHE B 215 1.45 21.47 -11.93
N ILE B 216 1.64 21.77 -10.63
CA ILE B 216 2.73 22.64 -10.17
C ILE B 216 3.80 21.79 -9.50
N SER B 217 4.95 21.68 -10.13
CA SER B 217 6.02 20.87 -9.57
C SER B 217 6.81 21.59 -8.50
N GLN B 218 7.44 20.82 -7.58
CA GLN B 218 8.32 21.38 -6.55
C GLN B 218 9.64 21.81 -7.18
N LYS B 219 10.25 22.85 -6.61
CA LYS B 219 11.56 23.34 -7.00
C LYS B 219 12.37 23.21 -5.74
N ILE B 220 13.19 22.13 -5.65
CA ILE B 220 14.05 21.85 -4.49
C ILE B 220 15.40 22.47 -4.83
N HIS B 221 15.65 23.67 -4.26
CA HIS B 221 16.89 24.44 -4.49
C HIS B 221 18.01 24.00 -3.59
N PHE B 222 17.66 23.26 -2.51
CA PHE B 222 18.62 22.90 -1.48
C PHE B 222 18.73 21.40 -1.19
N PRO B 223 19.94 20.81 -1.30
CA PRO B 223 20.10 19.39 -1.00
C PRO B 223 20.17 19.18 0.52
N ASP B 224 20.08 17.92 0.95
CA ASP B 224 20.13 17.54 2.37
C ASP B 224 21.53 17.24 2.87
N PHE B 225 22.50 17.32 1.96
CA PHE B 225 23.93 17.10 2.17
C PHE B 225 24.62 17.36 0.85
N SER B 226 25.88 17.81 0.92
CA SER B 226 26.71 18.13 -0.24
C SER B 226 28.17 18.06 0.16
N THR B 227 29.01 17.49 -0.73
CA THR B 227 30.46 17.36 -0.56
C THR B 227 31.16 17.48 -1.89
N ARG B 228 32.37 18.02 -1.87
CA ARG B 228 33.31 18.15 -3.00
C ARG B 228 34.68 17.59 -2.51
N ASP B 229 34.69 16.91 -1.35
CA ASP B 229 35.88 16.38 -0.68
C ASP B 229 36.23 14.92 -0.96
N ILE B 230 35.53 14.27 -1.90
CA ILE B 230 35.80 12.84 -2.17
C ILE B 230 36.75 12.67 -3.33
N HIS B 231 36.47 13.34 -4.45
CA HIS B 231 37.23 13.23 -5.69
C HIS B 231 37.78 14.57 -6.05
N ARG B 232 38.69 14.61 -7.02
CA ARG B 232 39.32 15.85 -7.47
C ARG B 232 39.03 16.16 -8.94
N ASN B 233 38.00 15.49 -9.48
CA ASN B 233 37.55 15.67 -10.87
C ASN B 233 36.08 15.23 -10.99
N TYR B 234 35.55 15.22 -12.24
CA TYR B 234 34.15 14.84 -12.56
C TYR B 234 33.74 13.58 -11.86
N VAL B 235 32.60 13.59 -11.16
CA VAL B 235 32.08 12.38 -10.51
C VAL B 235 31.07 11.82 -11.49
N ASP B 236 31.42 10.72 -12.19
CA ASP B 236 30.63 10.16 -13.27
C ASP B 236 29.78 8.93 -12.90
N CYS B 237 29.88 8.44 -11.66
CA CYS B 237 29.08 7.29 -11.20
C CYS B 237 28.91 7.31 -9.71
N VAL B 238 27.70 7.04 -9.26
CA VAL B 238 27.34 6.97 -7.84
C VAL B 238 26.29 5.93 -7.61
N ARG B 239 26.49 5.10 -6.58
CA ARG B 239 25.53 4.11 -6.14
C ARG B 239 25.53 4.04 -4.62
N TRP B 240 24.37 3.75 -4.07
CA TRP B 240 24.19 3.50 -2.66
C TRP B 240 24.68 2.06 -2.36
N LEU B 241 25.36 1.88 -1.22
CA LEU B 241 25.77 0.55 -0.69
C LEU B 241 25.21 0.53 0.75
N GLY B 242 23.92 0.22 0.89
CA GLY B 242 23.25 0.31 2.19
C GLY B 242 23.10 1.76 2.61
N ASP B 243 23.84 2.17 3.68
CA ASP B 243 23.89 3.57 4.22
C ASP B 243 25.18 4.25 3.79
N LEU B 244 26.05 3.50 3.12
CA LEU B 244 27.33 3.98 2.60
C LEU B 244 27.15 4.30 1.09
N ILE B 245 28.14 5.00 0.50
CA ILE B 245 28.20 5.45 -0.90
C ILE B 245 29.44 4.92 -1.60
N LEU B 246 29.25 4.55 -2.88
CA LEU B 246 30.28 4.17 -3.83
C LEU B 246 30.24 5.23 -4.91
N SER B 247 31.37 5.90 -5.16
CA SER B 247 31.45 6.90 -6.21
C SER B 247 32.82 6.85 -6.84
N LYS B 248 32.88 7.27 -8.09
CA LYS B 248 34.16 7.23 -8.77
C LYS B 248 34.33 8.46 -9.60
N SER B 249 35.57 8.74 -9.95
CA SER B 249 35.98 9.79 -10.84
C SER B 249 36.93 9.13 -11.85
N CYS B 250 37.96 9.83 -12.32
CA CYS B 250 38.91 9.26 -13.29
C CYS B 250 40.28 8.94 -12.59
N GLU B 251 40.28 8.91 -11.25
CA GLU B 251 41.44 8.66 -10.40
C GLU B 251 41.75 7.15 -10.16
N ASN B 252 41.19 6.25 -10.99
CA ASN B 252 41.39 4.79 -10.93
C ASN B 252 40.99 4.17 -9.59
N ALA B 253 39.92 4.70 -8.97
CA ALA B 253 39.40 4.16 -7.73
C ALA B 253 37.91 4.43 -7.59
N ILE B 254 37.22 3.47 -7.00
CA ILE B 254 35.84 3.61 -6.59
C ILE B 254 36.05 3.83 -5.10
N VAL B 255 35.57 4.96 -4.60
CA VAL B 255 35.69 5.33 -3.19
C VAL B 255 34.42 4.98 -2.44
N CYS B 256 34.59 4.22 -1.33
CA CYS B 256 33.50 3.89 -0.43
C CYS B 256 33.57 4.90 0.70
N TRP B 257 32.54 5.74 0.80
CA TRP B 257 32.45 6.81 1.78
C TRP B 257 31.04 6.98 2.35
N LYS B 258 30.93 7.82 3.40
CA LYS B 258 29.66 8.13 4.06
C LYS B 258 29.64 9.58 4.51
N PRO B 259 28.48 10.26 4.49
CA PRO B 259 28.45 11.67 4.98
C PRO B 259 28.65 11.71 6.48
N GLY B 260 29.29 12.77 6.96
CA GLY B 260 29.58 12.99 8.38
C GLY B 260 30.75 12.19 8.92
N LYS B 261 30.82 12.08 10.27
CA LYS B 261 31.80 11.32 11.01
C LYS B 261 31.37 9.85 11.00
N MET B 262 32.32 8.91 11.16
CA MET B 262 32.14 7.47 11.07
C MET B 262 30.91 6.85 11.75
N GLU B 263 30.52 7.37 12.91
CA GLU B 263 29.37 6.85 13.69
C GLU B 263 28.05 7.57 13.41
N ASP B 264 28.07 8.64 12.58
CA ASP B 264 26.86 9.41 12.28
C ASP B 264 25.83 8.62 11.49
N ASP B 265 24.56 8.66 11.93
CA ASP B 265 23.45 8.00 11.27
C ASP B 265 23.06 8.86 10.05
N ILE B 266 22.94 8.20 8.86
CA ILE B 266 22.55 8.84 7.59
C ILE B 266 21.27 9.70 7.69
N ASP B 267 20.30 9.29 8.51
CA ASP B 267 19.04 10.00 8.65
C ASP B 267 19.09 11.11 9.68
N LYS B 268 20.24 11.25 10.37
CA LYS B 268 20.47 12.26 11.42
C LYS B 268 21.44 13.36 10.97
N ILE B 269 22.19 13.14 9.87
CA ILE B 269 23.11 14.17 9.37
C ILE B 269 22.33 15.42 8.96
N LYS B 270 22.80 16.60 9.38
CA LYS B 270 22.13 17.86 9.10
C LYS B 270 22.51 18.42 7.72
N PRO B 271 21.65 19.22 7.03
CA PRO B 271 22.03 19.73 5.68
C PRO B 271 23.39 20.44 5.61
N SER B 272 23.80 21.09 6.70
CA SER B 272 25.08 21.84 6.79
C SER B 272 26.29 20.97 7.17
N GLU B 273 26.12 19.66 7.31
CA GLU B 273 27.19 18.75 7.66
C GLU B 273 28.40 18.93 6.74
N SER B 274 29.52 19.41 7.30
CA SER B 274 30.76 19.71 6.59
C SER B 274 31.74 18.54 6.50
N ASN B 275 31.54 17.47 7.30
CA ASN B 275 32.45 16.32 7.32
C ASN B 275 32.02 15.16 6.45
N VAL B 276 33.00 14.32 6.16
CA VAL B 276 32.85 13.13 5.33
C VAL B 276 33.78 12.02 5.85
N THR B 277 33.37 10.76 5.73
CA THR B 277 34.23 9.65 6.17
C THR B 277 34.54 8.72 4.99
N ILE B 278 35.83 8.55 4.67
CA ILE B 278 36.31 7.63 3.63
C ILE B 278 36.65 6.31 4.31
N LEU B 279 35.89 5.27 3.97
CA LEU B 279 35.95 3.93 4.55
C LEU B 279 36.80 2.91 3.80
N GLY B 280 36.95 3.11 2.48
CA GLY B 280 37.73 2.21 1.66
C GLY B 280 37.83 2.65 0.22
N ARG B 281 38.71 1.99 -0.53
CA ARG B 281 38.95 2.29 -1.92
C ARG B 281 39.09 0.98 -2.70
N PHE B 282 38.37 0.86 -3.83
CA PHE B 282 38.47 -0.33 -4.69
C PHE B 282 39.29 0.19 -5.87
N ASP B 283 40.61 -0.11 -5.87
CA ASP B 283 41.57 0.36 -6.87
C ASP B 283 41.66 -0.53 -8.11
N TYR B 284 41.91 0.09 -9.27
CA TYR B 284 42.06 -0.61 -10.55
C TYR B 284 43.00 0.24 -11.39
N SER B 285 43.13 -0.06 -12.67
CA SER B 285 44.01 0.72 -13.51
C SER B 285 43.40 0.94 -14.88
N GLN B 286 43.97 1.90 -15.61
CA GLN B 286 43.62 2.26 -16.99
C GLN B 286 42.10 2.48 -17.16
N CYS B 287 41.55 3.38 -16.33
CA CYS B 287 40.17 3.85 -16.38
C CYS B 287 40.25 5.34 -15.98
N ASP B 288 41.09 6.08 -16.73
CA ASP B 288 41.42 7.49 -16.57
C ASP B 288 40.66 8.43 -17.53
N ILE B 289 39.86 7.86 -18.44
CA ILE B 289 39.01 8.64 -19.35
C ILE B 289 37.68 8.87 -18.59
N TRP B 290 36.99 9.97 -18.87
CA TRP B 290 35.72 10.24 -18.19
C TRP B 290 34.59 9.37 -18.76
N TYR B 291 33.48 9.23 -17.97
CA TYR B 291 32.21 8.59 -18.35
C TYR B 291 32.28 7.04 -18.52
N MET B 292 32.58 6.34 -17.41
CA MET B 292 32.67 4.88 -17.32
C MET B 292 31.88 4.53 -16.07
N ARG B 293 30.81 3.72 -16.24
N ARG B 293 30.83 3.70 -16.23
CA ARG B 293 29.90 3.33 -15.16
CA ARG B 293 29.92 3.31 -15.15
C ARG B 293 30.26 1.99 -14.51
C ARG B 293 30.29 2.00 -14.50
N PHE B 294 30.11 1.91 -13.16
CA PHE B 294 30.29 0.66 -12.43
C PHE B 294 28.87 0.19 -12.09
N SER B 295 28.70 -1.10 -11.88
CA SER B 295 27.42 -1.67 -11.54
C SER B 295 27.57 -2.71 -10.42
N MET B 296 26.45 -3.04 -9.79
CA MET B 296 26.33 -4.07 -8.78
C MET B 296 25.24 -5.03 -9.16
N ASP B 297 25.25 -6.20 -8.55
CA ASP B 297 24.18 -7.16 -8.74
C ASP B 297 23.05 -6.80 -7.76
N PHE B 298 21.88 -7.46 -7.91
CA PHE B 298 20.71 -7.20 -7.10
C PHE B 298 20.99 -7.28 -5.62
N TRP B 299 21.61 -8.38 -5.17
CA TRP B 299 21.88 -8.61 -3.76
C TRP B 299 23.04 -7.78 -3.21
N GLN B 300 23.68 -6.98 -4.09
CA GLN B 300 24.83 -6.11 -3.81
C GLN B 300 25.99 -6.90 -3.17
N LYS B 301 26.31 -8.04 -3.78
CA LYS B 301 27.40 -8.92 -3.38
C LYS B 301 28.59 -8.77 -4.32
N MET B 302 28.32 -8.31 -5.53
CA MET B 302 29.35 -8.14 -6.55
C MET B 302 29.35 -6.73 -7.08
N LEU B 303 30.54 -6.20 -7.32
CA LEU B 303 30.77 -4.88 -7.87
C LEU B 303 31.60 -5.10 -9.14
N ALA B 304 31.14 -4.59 -10.29
CA ALA B 304 31.84 -4.70 -11.58
C ALA B 304 32.05 -3.33 -12.20
N LEU B 305 33.16 -3.20 -12.93
CA LEU B 305 33.57 -2.01 -13.66
C LEU B 305 34.52 -2.38 -14.77
N GLY B 306 34.26 -1.84 -15.95
CA GLY B 306 35.13 -2.03 -17.11
C GLY B 306 36.11 -0.89 -17.25
N ASN B 307 37.21 -1.13 -17.95
CA ASN B 307 38.21 -0.11 -18.18
C ASN B 307 38.35 0.26 -19.64
N GLN B 308 39.26 1.22 -19.96
CA GLN B 308 39.51 1.75 -21.30
C GLN B 308 40.12 0.74 -22.27
N VAL B 309 40.68 -0.37 -21.77
CA VAL B 309 41.34 -1.34 -22.65
C VAL B 309 40.57 -2.69 -22.73
N GLY B 310 39.29 -2.70 -22.34
CA GLY B 310 38.47 -3.91 -22.47
C GLY B 310 38.55 -4.92 -21.36
N LYS B 311 39.18 -4.57 -20.23
CA LYS B 311 39.26 -5.42 -19.02
C LYS B 311 38.06 -5.08 -18.16
N LEU B 312 37.50 -6.12 -17.53
CA LEU B 312 36.35 -6.02 -16.66
C LEU B 312 36.76 -6.46 -15.27
N TYR B 313 36.81 -5.50 -14.32
CA TYR B 313 37.13 -5.78 -12.92
C TYR B 313 35.87 -6.18 -12.17
N VAL B 314 36.01 -7.15 -11.27
CA VAL B 314 34.94 -7.66 -10.43
C VAL B 314 35.47 -7.81 -8.98
N TRP B 315 34.68 -7.32 -8.01
CA TRP B 315 35.00 -7.40 -6.61
C TRP B 315 33.88 -8.08 -5.86
N ASP B 316 34.25 -8.76 -4.77
CA ASP B 316 33.32 -9.41 -3.87
C ASP B 316 33.08 -8.44 -2.70
N LEU B 317 31.83 -7.93 -2.62
CA LEU B 317 31.36 -6.99 -1.62
C LEU B 317 31.12 -7.64 -0.25
N GLU B 318 31.29 -8.98 -0.17
CA GLU B 318 31.20 -9.70 1.10
C GLU B 318 32.55 -9.83 1.76
N VAL B 319 33.61 -9.37 1.08
CA VAL B 319 34.96 -9.37 1.62
C VAL B 319 35.20 -7.95 2.13
N GLU B 320 35.24 -7.79 3.47
CA GLU B 320 35.42 -6.52 4.15
C GLU B 320 36.58 -5.67 3.62
N ASP B 321 37.80 -6.25 3.50
CA ASP B 321 38.91 -5.46 2.97
C ASP B 321 38.84 -5.40 1.42
N PRO B 322 38.70 -4.18 0.83
CA PRO B 322 38.63 -4.07 -0.65
C PRO B 322 39.79 -4.69 -1.44
N HIS B 323 41.02 -4.69 -0.88
CA HIS B 323 42.20 -5.28 -1.54
C HIS B 323 42.08 -6.81 -1.69
N LYS B 324 41.56 -7.49 -0.65
CA LYS B 324 41.33 -8.94 -0.62
C LYS B 324 40.00 -9.32 -1.31
N ALA B 325 39.21 -8.29 -1.69
CA ALA B 325 37.90 -8.43 -2.34
C ALA B 325 37.97 -8.62 -3.87
N LYS B 326 39.13 -8.37 -4.48
CA LYS B 326 39.26 -8.49 -5.93
C LYS B 326 39.17 -9.95 -6.45
N CYS B 327 38.42 -10.15 -7.55
CA CYS B 327 38.25 -11.44 -8.23
C CYS B 327 39.22 -11.45 -9.42
N THR B 328 39.27 -12.56 -10.16
CA THR B 328 40.12 -12.63 -11.34
C THR B 328 39.52 -11.62 -12.32
N THR B 329 40.37 -10.75 -12.87
CA THR B 329 39.96 -9.71 -13.82
C THR B 329 39.52 -10.40 -15.09
N LEU B 330 38.36 -10.01 -15.60
CA LEU B 330 37.80 -10.64 -16.78
C LEU B 330 38.34 -10.02 -18.06
N THR B 331 39.09 -10.84 -18.82
CA THR B 331 39.77 -10.44 -20.06
C THR B 331 39.58 -11.43 -21.21
N HIS B 332 39.52 -10.89 -22.41
CA HIS B 332 39.46 -11.64 -23.66
C HIS B 332 40.31 -10.81 -24.65
N HIS B 333 41.26 -11.46 -25.35
CA HIS B 333 42.20 -10.83 -26.30
C HIS B 333 41.52 -10.03 -27.42
N LYS B 334 40.26 -10.36 -27.74
CA LYS B 334 39.47 -9.68 -28.78
C LYS B 334 38.71 -8.46 -28.19
N CYS B 335 38.56 -8.41 -26.84
CA CYS B 335 37.87 -7.31 -26.15
C CYS B 335 38.89 -6.25 -25.78
N GLY B 336 39.12 -5.31 -26.70
CA GLY B 336 40.09 -4.24 -26.53
C GLY B 336 39.55 -2.81 -26.42
N ALA B 337 38.25 -2.60 -26.73
CA ALA B 337 37.66 -1.24 -26.64
C ALA B 337 37.12 -0.94 -25.24
N ALA B 338 36.98 0.37 -24.88
CA ALA B 338 36.46 0.82 -23.57
C ALA B 338 35.07 0.23 -23.25
N ILE B 339 34.93 -0.40 -22.07
CA ILE B 339 33.65 -0.95 -21.61
C ILE B 339 32.90 0.21 -20.86
N ARG B 340 31.90 0.84 -21.54
CA ARG B 340 31.15 1.97 -20.94
C ARG B 340 30.24 1.54 -19.78
N GLN B 341 29.66 0.33 -19.87
CA GLN B 341 28.76 -0.15 -18.81
C GLN B 341 28.61 -1.67 -18.89
N THR B 342 28.26 -2.27 -17.75
CA THR B 342 28.01 -3.71 -17.58
C THR B 342 26.67 -3.90 -16.85
N SER B 343 26.09 -5.10 -16.96
CA SER B 343 24.86 -5.43 -16.25
C SER B 343 24.84 -6.89 -15.88
N PHE B 344 24.53 -7.18 -14.60
CA PHE B 344 24.29 -8.56 -14.14
C PHE B 344 22.80 -8.86 -14.37
N SER B 345 22.50 -10.13 -14.68
CA SER B 345 21.11 -10.60 -14.75
C SER B 345 20.65 -10.67 -13.29
N ARG B 346 19.32 -10.72 -13.02
CA ARG B 346 18.78 -10.73 -11.66
C ARG B 346 19.41 -11.77 -10.74
N ASP B 347 19.64 -13.00 -11.24
CA ASP B 347 20.23 -14.11 -10.48
C ASP B 347 21.78 -14.08 -10.44
N SER B 348 22.41 -13.04 -11.03
CA SER B 348 23.87 -12.87 -11.12
C SER B 348 24.61 -14.01 -11.87
N SER B 349 23.90 -14.75 -12.73
CA SER B 349 24.48 -15.86 -13.49
C SER B 349 25.13 -15.41 -14.82
N ILE B 350 24.73 -14.24 -15.34
CA ILE B 350 25.27 -13.64 -16.57
C ILE B 350 25.71 -12.18 -16.29
N LEU B 351 26.83 -11.78 -16.90
CA LEU B 351 27.37 -10.44 -16.81
C LEU B 351 27.60 -10.00 -18.26
N ILE B 352 26.93 -8.91 -18.65
CA ILE B 352 27.09 -8.37 -20.02
C ILE B 352 27.84 -7.08 -19.94
N ALA B 353 28.79 -6.86 -20.87
CA ALA B 353 29.58 -5.64 -21.00
C ALA B 353 29.39 -5.11 -22.40
N VAL B 354 29.24 -3.77 -22.56
CA VAL B 354 29.05 -3.11 -23.86
C VAL B 354 30.21 -2.09 -24.07
N CYS B 355 30.66 -1.91 -25.33
CA CYS B 355 31.86 -1.14 -25.66
C CYS B 355 31.67 0.00 -26.67
N ASP B 356 32.72 0.85 -26.81
CA ASP B 356 32.86 1.98 -27.74
C ASP B 356 32.85 1.57 -29.20
N ASP B 357 33.27 0.31 -29.50
CA ASP B 357 33.30 -0.25 -30.86
C ASP B 357 31.98 -1.01 -31.18
N ALA B 358 30.90 -0.80 -30.39
CA ALA B 358 29.58 -1.44 -30.56
C ALA B 358 29.55 -2.94 -30.28
N SER B 359 30.57 -3.47 -29.59
CA SER B 359 30.59 -4.90 -29.28
C SER B 359 29.94 -5.18 -27.93
N ILE B 360 29.36 -6.40 -27.78
CA ILE B 360 28.62 -6.88 -26.61
C ILE B 360 29.32 -8.14 -26.17
N TRP B 361 29.60 -8.31 -24.87
CA TRP B 361 30.33 -9.47 -24.34
C TRP B 361 29.52 -10.15 -23.27
N ARG B 362 29.41 -11.48 -23.36
CA ARG B 362 28.64 -12.26 -22.41
C ARG B 362 29.56 -13.16 -21.55
N TRP B 363 29.54 -12.94 -20.23
CA TRP B 363 30.29 -13.68 -19.23
C TRP B 363 29.31 -14.41 -18.32
N ASP B 364 29.38 -15.76 -18.31
CA ASP B 364 28.54 -16.61 -17.45
C ASP B 364 29.31 -17.02 -16.21
N ARG B 365 28.67 -16.91 -15.03
CA ARG B 365 29.27 -17.26 -13.74
C ARG B 365 29.49 -18.77 -13.66
N LEU B 366 30.71 -19.22 -13.28
CA LEU B 366 31.03 -20.66 -13.19
C LEU B 366 30.37 -21.34 -11.98
N SER C 1 -2.90 -12.64 32.28
CA SER C 1 -4.28 -13.09 32.11
C SER C 1 -4.74 -13.05 30.65
N MET C 2 -5.87 -13.72 30.35
CA MET C 2 -6.53 -13.72 29.04
C MET C 2 -7.05 -12.30 28.73
N PHE C 3 -7.57 -11.58 29.76
CA PHE C 3 -8.08 -10.22 29.67
C PHE C 3 -7.02 -9.23 29.22
N SER C 4 -5.90 -9.12 29.99
CA SER C 4 -4.81 -8.18 29.73
C SER C 4 -4.17 -8.39 28.35
N SER C 5 -3.99 -9.66 27.96
CA SER C 5 -3.44 -10.07 26.66
C SER C 5 -4.38 -9.61 25.55
N ASN C 6 -5.69 -9.90 25.67
CA ASN C 6 -6.71 -9.48 24.69
C ASN C 6 -6.80 -7.95 24.58
N ARG C 7 -6.66 -7.24 25.73
CA ARG C 7 -6.68 -5.79 25.84
C ARG C 7 -5.52 -5.16 25.06
N GLN C 8 -4.34 -5.79 25.09
CA GLN C 8 -3.15 -5.33 24.38
C GLN C 8 -3.29 -5.53 22.88
N LYS C 9 -3.95 -6.63 22.46
CA LYS C 9 -4.30 -6.95 21.06
C LYS C 9 -5.20 -5.82 20.49
N ILE C 10 -6.32 -5.53 21.19
CA ILE C 10 -7.28 -4.46 20.86
C ILE C 10 -6.47 -3.15 20.78
N LEU C 11 -5.68 -2.82 21.84
CA LEU C 11 -4.87 -1.59 21.87
C LEU C 11 -3.94 -1.46 20.66
N GLU C 12 -3.14 -2.49 20.37
CA GLU C 12 -2.20 -2.53 19.24
C GLU C 12 -2.90 -2.35 17.88
N ARG C 13 -3.99 -3.11 17.68
CA ARG C 13 -4.75 -3.14 16.43
C ARG C 13 -5.58 -1.88 16.21
N THR C 14 -6.25 -1.34 17.25
CA THR C 14 -6.99 -0.06 17.12
C THR C 14 -6.00 1.09 16.86
N GLU C 15 -4.76 0.97 17.39
CA GLU C 15 -3.72 2.00 17.16
C GLU C 15 -3.33 2.04 15.68
N ILE C 16 -3.21 0.84 15.06
CA ILE C 16 -2.92 0.69 13.64
C ILE C 16 -4.03 1.37 12.84
N LEU C 17 -5.32 1.12 13.19
CA LEU C 17 -6.48 1.74 12.52
C LEU C 17 -6.49 3.24 12.70
N ASN C 18 -6.16 3.69 13.93
CA ASN C 18 -6.11 5.11 14.26
C ASN C 18 -5.07 5.87 13.48
N GLN C 19 -3.89 5.22 13.25
CA GLN C 19 -2.80 5.81 12.47
C GLN C 19 -3.16 5.94 11.02
N GLU C 20 -3.88 4.96 10.46
CA GLU C 20 -4.33 4.98 9.06
C GLU C 20 -5.38 6.10 8.83
N TRP C 21 -6.26 6.30 9.81
CA TRP C 21 -7.29 7.35 9.81
C TRP C 21 -6.60 8.75 9.91
N LYS C 22 -5.50 8.86 10.68
CA LYS C 22 -4.77 10.11 10.86
C LYS C 22 -4.09 10.62 9.59
N GLN C 23 -3.58 9.71 8.73
CA GLN C 23 -2.96 10.08 7.45
C GLN C 23 -4.02 10.51 6.42
N ARG C 24 -5.27 10.05 6.60
CA ARG C 24 -6.39 10.38 5.73
C ARG C 24 -6.95 11.79 5.99
N ARG C 25 -7.50 12.38 4.92
CA ARG C 25 -8.14 13.69 4.96
C ARG C 25 -9.41 13.60 4.16
N ILE C 26 -10.40 12.87 4.72
CA ILE C 26 -11.71 12.61 4.14
C ILE C 26 -12.47 13.93 4.15
N GLN C 27 -12.95 14.37 2.96
CA GLN C 27 -13.64 15.66 2.81
C GLN C 27 -14.94 15.72 3.65
N PRO C 28 -15.29 16.91 4.23
CA PRO C 28 -16.49 16.98 5.08
C PRO C 28 -17.79 16.76 4.32
N VAL C 29 -18.81 16.22 5.01
CA VAL C 29 -20.13 15.92 4.44
C VAL C 29 -21.05 17.18 4.39
N SER D 1 30.55 -4.61 13.70
CA SER D 1 31.34 -3.59 13.00
C SER D 1 30.47 -2.72 12.07
N MET D 2 31.11 -1.75 11.43
CA MET D 2 30.54 -0.84 10.44
C MET D 2 30.13 -1.68 9.20
N PHE D 3 30.98 -2.66 8.82
CA PHE D 3 30.78 -3.56 7.70
C PHE D 3 29.57 -4.46 7.93
N SER D 4 29.62 -5.33 8.97
CA SER D 4 28.56 -6.28 9.32
C SER D 4 27.21 -5.58 9.48
N SER D 5 27.20 -4.41 10.14
CA SER D 5 26.00 -3.60 10.34
C SER D 5 25.41 -3.13 9.00
N ASN D 6 26.28 -2.68 8.06
CA ASN D 6 25.86 -2.25 6.71
C ASN D 6 25.40 -3.43 5.87
N ARG D 7 26.09 -4.59 5.99
CA ARG D 7 25.79 -5.85 5.33
C ARG D 7 24.40 -6.33 5.74
N GLN D 8 24.08 -6.22 7.06
CA GLN D 8 22.78 -6.56 7.61
C GLN D 8 21.65 -5.72 6.99
N LYS D 9 21.85 -4.37 6.91
CA LYS D 9 20.88 -3.42 6.32
C LYS D 9 20.58 -3.75 4.84
N ILE D 10 21.63 -4.09 4.07
CA ILE D 10 21.52 -4.51 2.66
C ILE D 10 20.68 -5.79 2.60
N LEU D 11 21.02 -6.80 3.43
CA LEU D 11 20.32 -8.10 3.52
C LEU D 11 18.81 -7.93 3.76
N GLU D 12 18.44 -7.14 4.80
CA GLU D 12 17.06 -6.85 5.15
C GLU D 12 16.32 -6.07 4.08
N ARG D 13 16.94 -5.01 3.53
CA ARG D 13 16.27 -4.15 2.53
C ARG D 13 16.17 -4.78 1.15
N THR D 14 17.16 -5.60 0.75
CA THR D 14 17.09 -6.33 -0.52
C THR D 14 16.05 -7.45 -0.39
N GLU D 15 15.84 -7.98 0.85
CA GLU D 15 14.81 -9.00 1.11
C GLU D 15 13.40 -8.41 0.99
N ILE D 16 13.20 -7.12 1.36
CA ILE D 16 11.90 -6.45 1.21
C ILE D 16 11.58 -6.34 -0.28
N LEU D 17 12.56 -5.88 -1.07
CA LEU D 17 12.45 -5.72 -2.52
C LEU D 17 12.26 -7.07 -3.21
N ASN D 18 12.98 -8.09 -2.74
CA ASN D 18 12.87 -9.43 -3.33
C ASN D 18 11.51 -10.06 -3.04
N GLN D 19 10.95 -9.83 -1.83
CA GLN D 19 9.58 -10.29 -1.51
C GLN D 19 8.54 -9.58 -2.37
N GLU D 20 8.72 -8.28 -2.64
CA GLU D 20 7.78 -7.51 -3.47
C GLU D 20 7.85 -8.02 -4.92
N TRP D 21 9.06 -8.40 -5.38
CA TRP D 21 9.29 -8.98 -6.71
C TRP D 21 8.61 -10.38 -6.79
N LYS D 22 8.68 -11.17 -5.70
CA LYS D 22 8.01 -12.50 -5.66
C LYS D 22 6.47 -12.40 -5.77
N GLN D 23 5.85 -11.37 -5.17
CA GLN D 23 4.40 -11.14 -5.21
C GLN D 23 3.87 -10.75 -6.61
N ARG D 24 4.78 -10.39 -7.55
CA ARG D 24 4.44 -9.98 -8.91
C ARG D 24 4.68 -11.03 -10.01
N ARG D 25 3.96 -10.85 -11.14
CA ARG D 25 4.05 -11.70 -12.33
C ARG D 25 4.02 -10.81 -13.57
N ILE D 26 5.18 -10.23 -13.91
CA ILE D 26 5.39 -9.30 -15.05
C ILE D 26 5.43 -10.09 -16.37
N GLN D 27 4.78 -9.53 -17.43
CA GLN D 27 4.64 -10.11 -18.78
C GLN D 27 5.99 -10.38 -19.49
N PRO D 28 6.19 -11.61 -20.03
CA PRO D 28 7.46 -11.89 -20.73
C PRO D 28 7.60 -11.08 -22.02
N VAL D 29 8.82 -10.55 -22.26
CA VAL D 29 9.16 -9.76 -23.45
C VAL D 29 9.84 -10.66 -24.52
#